data_6FGK
#
_entry.id   6FGK
#
_cell.length_a   83.670
_cell.length_b   99.920
_cell.length_c   122.884
_cell.angle_alpha   90.00
_cell.angle_beta   90.00
_cell.angle_gamma   90.00
#
_symmetry.space_group_name_H-M   'P 21 21 21'
#
_entity_poly.entity_id   1
_entity_poly.type   'polypeptide(L)'
_entity_poly.pdbx_seq_one_letter_code
;MDLSVTHMDDLKTVMEDWKNELLVYKFALDALDTKFSIISQEYNLIHGHNPIEHTKSRVKSFESIVNKLMRKGCEITTKE
MKEHIHDIAGVRIICSFISDIYNVVNVLKQHEDLRIVKVKDYIQTPKPNGYRSLHLIIEMPVNLTNRVEYVKAEIQIRTI
AMDFWASLEHKIYYKLNNDVPKQLTDELKEAAEIAHYLDEKMLGIKKEVD
;
_entity_poly.pdbx_strand_id   A,B,C,D
#
# COMPACT_ATOMS: atom_id res chain seq x y z
N GLU A 16 1.26 12.86 -28.23
CA GLU A 16 2.23 13.93 -28.43
C GLU A 16 2.36 14.78 -27.17
N ASP A 17 1.67 15.92 -27.15
CA ASP A 17 1.51 16.71 -25.94
C ASP A 17 0.23 16.39 -25.19
N TRP A 18 -0.37 15.23 -25.45
CA TRP A 18 -1.44 14.74 -24.58
C TRP A 18 -0.88 14.01 -23.38
N LYS A 19 0.30 13.39 -23.53
CA LYS A 19 0.93 12.72 -22.40
C LYS A 19 1.37 13.72 -21.33
N ASN A 20 1.91 14.86 -21.76
CA ASN A 20 2.42 15.82 -20.80
C ASN A 20 1.28 16.46 -20.00
N GLU A 21 0.20 16.83 -20.69
CA GLU A 21 -0.90 17.51 -20.00
C GLU A 21 -1.68 16.54 -19.10
N LEU A 22 -1.89 15.31 -19.55
CA LEU A 22 -2.62 14.37 -18.72
C LEU A 22 -1.86 14.01 -17.45
N LEU A 23 -0.53 14.06 -17.49
CA LEU A 23 0.24 13.75 -16.28
C LEU A 23 0.04 14.80 -15.19
N VAL A 24 -0.06 16.08 -15.57
CA VAL A 24 -0.28 17.11 -14.55
C VAL A 24 -1.61 16.87 -13.83
N TYR A 25 -2.62 16.37 -14.56
CA TYR A 25 -3.87 16.01 -13.89
C TYR A 25 -3.71 14.79 -13.00
N LYS A 26 -2.89 13.83 -13.42
CA LYS A 26 -2.58 12.70 -12.55
C LYS A 26 -1.79 13.15 -11.33
N PHE A 27 -0.84 14.07 -11.52
CA PHE A 27 -0.03 14.57 -10.41
C PHE A 27 -0.88 15.32 -9.39
N ALA A 28 -1.86 16.10 -9.86
CA ALA A 28 -2.69 16.87 -8.95
C ALA A 28 -3.42 15.98 -7.97
N LEU A 29 -3.85 14.81 -8.44
CA LEU A 29 -4.54 13.88 -7.54
C LEU A 29 -3.59 13.34 -6.47
N ASP A 30 -2.35 13.05 -6.87
CA ASP A 30 -1.34 12.69 -5.88
C ASP A 30 -1.18 13.80 -4.84
N ALA A 31 -1.28 15.06 -5.29
CA ALA A 31 -1.19 16.19 -4.38
C ALA A 31 -2.46 16.33 -3.55
N LEU A 32 -3.62 16.13 -4.19
CA LEU A 32 -4.88 16.17 -3.44
C LEU A 32 -5.00 14.99 -2.48
N ASP A 33 -4.41 13.84 -2.82
CA ASP A 33 -4.52 12.67 -1.96
C ASP A 33 -3.91 12.91 -0.58
N THR A 34 -2.75 13.55 -0.53
CA THR A 34 -2.14 13.85 0.77
C THR A 34 -2.87 14.96 1.51
N LYS A 35 -3.50 15.89 0.79
CA LYS A 35 -4.27 16.92 1.47
C LYS A 35 -5.44 16.30 2.24
N PHE A 36 -6.16 15.35 1.63
CA PHE A 36 -7.24 14.70 2.34
C PHE A 36 -6.73 13.74 3.41
N SER A 37 -5.55 13.15 3.20
CA SER A 37 -4.94 12.38 4.28
C SER A 37 -4.60 13.30 5.44
N ILE A 38 -4.13 14.52 5.14
CA ILE A 38 -3.81 15.49 6.19
C ILE A 38 -5.08 16.07 6.79
N ILE A 39 -6.10 16.32 5.95
CA ILE A 39 -7.36 16.83 6.47
C ILE A 39 -7.95 15.85 7.48
N SER A 40 -7.94 14.56 7.17
CA SER A 40 -8.48 13.57 8.09
C SER A 40 -7.58 13.32 9.28
N GLN A 41 -6.27 13.53 9.15
CA GLN A 41 -5.38 13.37 10.30
C GLN A 41 -5.48 14.51 11.29
N GLU A 42 -6.26 15.54 10.98
CA GLU A 42 -6.61 16.58 11.92
C GLU A 42 -7.96 16.34 12.59
N TYR A 43 -8.63 15.23 12.27
CA TYR A 43 -9.89 14.93 12.95
C TYR A 43 -9.96 13.53 13.53
N ASN A 44 -8.96 12.67 13.28
CA ASN A 44 -8.89 11.27 13.74
C ASN A 44 -10.05 10.75 14.61
N GLY A 48 -12.51 15.40 17.18
CA GLY A 48 -11.87 14.13 17.46
C GLY A 48 -12.53 12.95 16.77
N HIS A 49 -13.07 13.20 15.57
CA HIS A 49 -13.65 12.15 14.74
C HIS A 49 -13.54 12.60 13.30
N ASN A 50 -13.15 11.68 12.41
CA ASN A 50 -13.06 12.18 11.06
C ASN A 50 -14.20 11.64 10.21
N PRO A 51 -14.77 12.46 9.34
CA PRO A 51 -15.91 12.00 8.53
C PRO A 51 -15.52 11.32 7.24
N ILE A 52 -14.27 11.41 6.81
CA ILE A 52 -13.82 10.85 5.54
C ILE A 52 -13.48 9.38 5.76
N GLU A 53 -14.29 8.50 5.16
CA GLU A 53 -14.09 7.06 5.26
C GLU A 53 -13.35 6.50 4.05
N HIS A 54 -13.74 6.88 2.83
CA HIS A 54 -12.98 6.50 1.65
C HIS A 54 -12.63 7.74 0.85
N THR A 55 -11.53 7.63 0.08
CA THR A 55 -11.10 8.66 -0.85
C THR A 55 -10.59 7.90 -2.07
N LYS A 56 -11.29 8.03 -3.19
CA LYS A 56 -10.94 7.30 -4.40
C LYS A 56 -10.72 8.31 -5.52
N SER A 57 -9.50 8.32 -6.06
CA SER A 57 -9.13 9.22 -7.14
C SER A 57 -9.09 8.45 -8.44
N ARG A 58 -9.67 9.03 -9.49
CA ARG A 58 -9.77 8.38 -10.79
C ARG A 58 -9.42 9.42 -11.85
N VAL A 59 -8.27 9.24 -12.50
CA VAL A 59 -7.92 10.10 -13.62
C VAL A 59 -8.70 9.62 -14.83
N LYS A 60 -9.37 10.55 -15.51
CA LYS A 60 -10.31 10.18 -16.55
C LYS A 60 -9.61 9.50 -17.72
N SER A 61 -10.32 8.57 -18.34
CA SER A 61 -9.76 7.76 -19.40
C SER A 61 -9.76 8.54 -20.71
N PHE A 62 -8.67 8.37 -21.47
CA PHE A 62 -8.52 9.08 -22.74
C PHE A 62 -9.74 8.85 -23.64
N GLU A 63 -10.28 7.63 -23.63
CA GLU A 63 -11.45 7.36 -24.48
C GLU A 63 -12.69 8.10 -23.96
N SER A 64 -12.90 8.12 -22.64
CA SER A 64 -14.07 8.80 -22.09
C SER A 64 -14.01 10.31 -22.31
N ILE A 65 -12.80 10.89 -22.31
CA ILE A 65 -12.66 12.31 -22.57
C ILE A 65 -13.21 12.67 -23.95
N VAL A 66 -12.87 11.86 -24.96
CA VAL A 66 -13.25 12.18 -26.33
C VAL A 66 -14.76 12.17 -26.48
N ASN A 67 -15.41 11.11 -25.98
CA ASN A 67 -16.87 11.03 -26.06
C ASN A 67 -17.51 12.24 -25.40
N LYS A 68 -16.94 12.70 -24.29
CA LYS A 68 -17.41 13.93 -23.67
C LYS A 68 -16.97 15.15 -24.48
N LEU A 69 -15.77 15.11 -25.06
CA LEU A 69 -15.34 16.18 -25.96
C LEU A 69 -16.02 16.11 -27.33
N MET A 70 -16.72 15.01 -27.64
CA MET A 70 -17.37 14.90 -28.94
C MET A 70 -18.54 15.84 -29.09
N ARG A 71 -18.94 16.53 -28.02
CA ARG A 71 -19.91 17.60 -28.11
C ARG A 71 -19.25 18.93 -28.44
N LYS A 72 -17.93 19.03 -28.28
CA LYS A 72 -17.17 20.20 -28.67
C LYS A 72 -16.13 19.77 -29.72
N GLY A 73 -14.95 20.38 -29.71
CA GLY A 73 -13.89 20.04 -30.64
C GLY A 73 -12.66 19.52 -29.91
N CYS A 74 -12.05 18.48 -30.49
CA CYS A 74 -10.88 17.85 -29.88
C CYS A 74 -9.64 18.74 -29.96
N LYS A 82 -8.79 21.42 -25.71
CA LYS A 82 -9.61 22.41 -25.01
C LYS A 82 -9.94 21.92 -23.61
N GLU A 83 -9.37 22.58 -22.60
CA GLU A 83 -9.44 22.14 -21.21
C GLU A 83 -10.60 22.75 -20.45
N HIS A 84 -11.82 22.67 -20.99
CA HIS A 84 -12.98 23.15 -20.25
C HIS A 84 -13.78 22.02 -19.64
N ILE A 85 -13.27 20.79 -19.71
CA ILE A 85 -13.88 19.65 -19.03
C ILE A 85 -13.29 19.61 -17.63
N HIS A 86 -14.17 19.65 -16.61
CA HIS A 86 -13.72 19.88 -15.24
C HIS A 86 -13.30 18.60 -14.53
N ASP A 87 -14.03 17.51 -14.73
CA ASP A 87 -13.81 16.27 -14.00
C ASP A 87 -12.71 15.40 -14.63
N ILE A 88 -11.69 16.02 -15.22
CA ILE A 88 -10.53 15.26 -15.70
C ILE A 88 -9.84 14.57 -14.52
N ALA A 89 -9.66 15.30 -13.42
CA ALA A 89 -9.19 14.72 -12.16
C ALA A 89 -10.37 14.75 -11.20
N GLY A 90 -10.82 13.57 -10.79
CA GLY A 90 -12.01 13.44 -9.97
C GLY A 90 -11.70 12.72 -8.67
N VAL A 91 -12.28 13.21 -7.58
CA VAL A 91 -12.11 12.62 -6.26
C VAL A 91 -13.49 12.43 -5.64
N ARG A 92 -13.72 11.27 -5.05
CA ARG A 92 -14.98 10.97 -4.38
C ARG A 92 -14.70 10.88 -2.89
N ILE A 93 -15.18 11.86 -2.14
CA ILE A 93 -15.13 11.84 -0.69
C ILE A 93 -16.42 11.17 -0.22
N ILE A 94 -16.30 10.01 0.39
CA ILE A 94 -17.46 9.30 0.91
C ILE A 94 -17.47 9.53 2.42
N CYS A 95 -18.41 10.33 2.89
CA CYS A 95 -18.54 10.70 4.29
C CYS A 95 -19.62 9.85 4.96
N SER A 96 -19.62 9.88 6.29
CA SER A 96 -20.56 9.06 7.03
C SER A 96 -21.96 9.68 7.04
N PHE A 97 -22.06 10.98 7.25
CA PHE A 97 -23.35 11.66 7.38
C PHE A 97 -23.41 12.91 6.51
N ILE A 98 -24.63 13.39 6.31
CA ILE A 98 -24.87 14.62 5.55
C ILE A 98 -24.20 15.80 6.23
N SER A 99 -24.32 15.87 7.57
CA SER A 99 -23.67 16.96 8.30
C SER A 99 -22.17 16.92 8.11
N ASP A 100 -21.61 15.72 7.94
CA ASP A 100 -20.18 15.55 7.73
C ASP A 100 -19.71 16.08 6.37
N ILE A 101 -20.62 16.14 5.39
CA ILE A 101 -20.27 16.64 4.06
C ILE A 101 -19.87 18.11 4.14
N TYR A 102 -20.76 18.95 4.69
CA TYR A 102 -20.54 20.39 4.72
C TYR A 102 -19.36 20.77 5.61
N ASN A 103 -19.02 19.93 6.59
CA ASN A 103 -17.82 20.18 7.38
C ASN A 103 -16.56 20.07 6.52
N VAL A 104 -16.53 19.11 5.59
CA VAL A 104 -15.41 19.03 4.67
C VAL A 104 -15.42 20.24 3.73
N VAL A 105 -16.61 20.68 3.32
CA VAL A 105 -16.71 21.90 2.50
C VAL A 105 -16.17 23.09 3.27
N ASN A 106 -16.58 23.22 4.54
CA ASN A 106 -16.10 24.34 5.37
C ASN A 106 -14.60 24.26 5.61
N VAL A 107 -14.05 23.05 5.69
CA VAL A 107 -12.60 22.90 5.82
C VAL A 107 -11.92 23.28 4.50
N LEU A 108 -12.48 22.82 3.37
CA LEU A 108 -11.90 23.11 2.07
C LEU A 108 -11.94 24.59 1.72
N LYS A 109 -12.78 25.37 2.41
CA LYS A 109 -12.81 26.81 2.19
C LYS A 109 -11.65 27.51 2.88
N GLN A 110 -11.21 26.97 4.02
CA GLN A 110 -10.13 27.53 4.82
C GLN A 110 -8.75 27.16 4.32
N HIS A 111 -8.63 26.64 3.10
CA HIS A 111 -7.36 26.33 2.49
C HIS A 111 -7.00 27.39 1.46
N GLU A 112 -5.73 27.82 1.45
CA GLU A 112 -5.31 28.82 0.48
C GLU A 112 -4.98 28.21 -0.87
N ASP A 113 -4.27 27.07 -0.86
CA ASP A 113 -3.74 26.48 -2.07
C ASP A 113 -4.82 25.77 -2.89
N LEU A 114 -6.06 26.22 -2.78
CA LEU A 114 -7.15 25.84 -3.67
C LEU A 114 -8.31 26.80 -3.45
N ARG A 115 -8.91 27.24 -4.55
CA ARG A 115 -10.05 28.15 -4.54
C ARG A 115 -11.23 27.47 -5.24
N ILE A 116 -12.40 27.55 -4.63
CA ILE A 116 -13.59 26.90 -5.17
C ILE A 116 -14.10 27.75 -6.33
N VAL A 117 -14.10 27.18 -7.53
CA VAL A 117 -14.57 27.88 -8.72
C VAL A 117 -16.07 27.72 -8.89
N LYS A 118 -16.59 26.51 -8.70
CA LYS A 118 -17.99 26.20 -8.92
C LYS A 118 -18.49 25.30 -7.80
N VAL A 119 -19.81 25.34 -7.56
CA VAL A 119 -20.43 24.51 -6.54
C VAL A 119 -21.83 24.11 -7.00
N LYS A 120 -22.13 22.81 -6.92
CA LYS A 120 -23.44 22.26 -7.29
C LYS A 120 -23.91 21.38 -6.15
N ASP A 121 -24.85 21.87 -5.34
CA ASP A 121 -25.38 21.10 -4.21
C ASP A 121 -26.57 20.29 -4.72
N TYR A 122 -26.29 19.08 -5.22
CA TYR A 122 -27.35 18.19 -5.66
C TYR A 122 -28.09 17.54 -4.50
N ILE A 123 -27.67 17.79 -3.26
CA ILE A 123 -28.45 17.42 -2.10
C ILE A 123 -29.44 18.54 -1.83
N GLN A 124 -30.69 18.17 -1.54
CA GLN A 124 -31.79 19.11 -1.29
C GLN A 124 -32.30 19.69 -2.61
N THR A 125 -31.46 19.66 -3.65
CA THR A 125 -31.85 20.05 -5.01
C THR A 125 -31.46 18.93 -5.96
N PRO A 126 -32.08 17.76 -5.81
CA PRO A 126 -31.63 16.58 -6.56
C PRO A 126 -32.10 16.60 -8.02
N LYS A 127 -31.43 15.76 -8.82
CA LYS A 127 -31.82 15.54 -10.19
C LYS A 127 -33.11 14.73 -10.24
N PRO A 128 -33.78 14.69 -11.40
CA PRO A 128 -34.97 13.83 -11.51
C PRO A 128 -34.67 12.34 -11.45
N ASN A 129 -33.42 11.92 -11.69
CA ASN A 129 -33.06 10.52 -11.51
C ASN A 129 -32.98 10.14 -10.03
N GLY A 130 -32.89 11.13 -9.13
CA GLY A 130 -32.62 10.87 -7.73
C GLY A 130 -31.19 11.05 -7.31
N TYR A 131 -30.30 11.46 -8.22
CA TYR A 131 -28.88 11.56 -7.89
C TYR A 131 -28.66 12.67 -6.86
N ARG A 132 -27.92 12.32 -5.81
CA ARG A 132 -27.62 13.25 -4.73
C ARG A 132 -26.14 13.19 -4.41
N SER A 133 -25.50 14.35 -4.42
CA SER A 133 -24.10 14.49 -4.05
C SER A 133 -23.85 15.97 -3.85
N LEU A 134 -22.60 16.31 -3.54
CA LEU A 134 -22.24 17.72 -3.40
C LEU A 134 -20.91 17.91 -4.13
N HIS A 135 -21.00 18.32 -5.39
CA HIS A 135 -19.84 18.57 -6.21
C HIS A 135 -19.34 20.00 -5.98
N LEU A 136 -18.04 20.20 -6.15
CA LEU A 136 -17.46 21.54 -6.10
C LEU A 136 -16.15 21.52 -6.85
N ILE A 137 -16.06 22.29 -7.94
CA ILE A 137 -14.87 22.36 -8.76
C ILE A 137 -13.90 23.34 -8.11
N ILE A 138 -12.62 22.96 -8.09
CA ILE A 138 -11.57 23.75 -7.48
C ILE A 138 -10.49 23.99 -8.53
N GLU A 139 -9.58 24.90 -8.20
CA GLU A 139 -8.39 25.16 -9.01
C GLU A 139 -7.17 24.93 -8.13
N MET A 140 -6.32 23.98 -8.53
CA MET A 140 -5.26 23.46 -7.68
C MET A 140 -3.89 23.77 -8.23
N PRO A 141 -3.01 24.41 -7.45
CA PRO A 141 -1.62 24.60 -7.90
C PRO A 141 -0.78 23.35 -7.65
N VAL A 142 -0.02 22.94 -8.66
CA VAL A 142 0.85 21.77 -8.58
C VAL A 142 2.28 22.24 -8.85
N ASN A 143 3.12 22.23 -7.81
CA ASN A 143 4.52 22.61 -7.96
C ASN A 143 5.27 21.45 -8.62
N LEU A 144 5.71 21.65 -9.86
CA LEU A 144 6.49 20.68 -10.62
C LEU A 144 7.92 21.19 -10.79
N THR A 145 8.69 20.46 -11.59
CA THR A 145 10.09 20.82 -11.83
C THR A 145 10.19 22.04 -12.74
N ASN A 146 9.44 22.05 -13.84
CA ASN A 146 9.47 23.20 -14.75
C ASN A 146 9.05 24.45 -14.01
N ARG A 147 7.75 24.60 -13.75
CA ARG A 147 7.19 25.63 -12.89
C ARG A 147 5.91 25.06 -12.29
N VAL A 148 4.92 25.91 -12.02
CA VAL A 148 3.67 25.46 -11.41
C VAL A 148 2.56 25.54 -12.46
N GLU A 149 1.63 24.59 -12.40
CA GLU A 149 0.50 24.53 -13.31
C GLU A 149 -0.79 24.55 -12.50
N TYR A 150 -1.79 25.27 -12.99
CA TYR A 150 -3.08 25.40 -12.31
C TYR A 150 -4.11 24.57 -13.06
N VAL A 151 -4.52 23.45 -12.44
CA VAL A 151 -5.44 22.50 -13.07
C VAL A 151 -6.75 22.49 -12.28
N LYS A 152 -7.81 22.03 -12.95
CA LYS A 152 -9.14 21.94 -12.35
C LYS A 152 -9.42 20.51 -11.93
N ALA A 153 -10.13 20.36 -10.83
CA ALA A 153 -10.55 19.05 -10.33
C ALA A 153 -11.95 19.18 -9.76
N GLU A 154 -12.77 18.15 -9.94
CA GLU A 154 -14.13 18.13 -9.43
C GLU A 154 -14.20 17.15 -8.27
N ILE A 155 -14.47 17.67 -7.07
CA ILE A 155 -14.60 16.85 -5.88
C ILE A 155 -16.07 16.55 -5.66
N GLN A 156 -16.38 15.27 -5.46
CA GLN A 156 -17.76 14.82 -5.24
C GLN A 156 -17.83 14.23 -3.84
N ILE A 157 -18.52 14.93 -2.94
CA ILE A 157 -18.67 14.49 -1.55
C ILE A 157 -20.04 13.82 -1.41
N ARG A 158 -20.05 12.61 -0.87
CA ARG A 158 -21.24 11.78 -0.81
C ARG A 158 -21.29 11.05 0.52
N THR A 159 -22.47 10.53 0.85
CA THR A 159 -22.59 9.59 1.95
C THR A 159 -22.27 8.20 1.43
N ILE A 160 -22.48 7.18 2.25
CA ILE A 160 -22.22 5.82 1.83
C ILE A 160 -23.25 5.39 0.79
N ALA A 161 -24.54 5.59 1.10
CA ALA A 161 -25.61 5.18 0.21
C ALA A 161 -25.64 5.98 -1.10
N MET A 162 -25.18 7.24 -1.06
CA MET A 162 -25.15 8.05 -2.28
C MET A 162 -24.14 7.49 -3.27
N ASP A 163 -22.97 7.09 -2.79
CA ASP A 163 -21.95 6.54 -3.67
C ASP A 163 -22.37 5.18 -4.23
N PHE A 164 -23.18 4.43 -3.49
CA PHE A 164 -23.62 3.12 -3.96
C PHE A 164 -24.77 3.23 -4.95
N TRP A 165 -25.69 4.18 -4.76
CA TRP A 165 -26.76 4.36 -5.73
C TRP A 165 -26.21 4.87 -7.07
N ALA A 166 -25.20 5.73 -7.02
CA ALA A 166 -24.59 6.23 -8.25
C ALA A 166 -23.83 5.12 -8.98
N SER A 167 -22.99 4.39 -8.24
CA SER A 167 -22.24 3.30 -8.87
C SER A 167 -23.17 2.24 -9.46
N LEU A 168 -24.34 2.04 -8.84
CA LEU A 168 -25.28 1.06 -9.37
C LEU A 168 -25.95 1.56 -10.64
N GLU A 169 -26.40 2.82 -10.64
CA GLU A 169 -27.08 3.37 -11.81
C GLU A 169 -26.16 3.36 -13.03
N HIS A 170 -24.88 3.71 -12.83
CA HIS A 170 -23.94 3.67 -13.95
C HIS A 170 -23.79 2.25 -14.49
N LYS A 171 -23.70 1.26 -13.61
CA LYS A 171 -23.54 -0.11 -14.05
C LYS A 171 -24.79 -0.61 -14.78
N ILE A 172 -25.96 -0.05 -14.45
CA ILE A 172 -27.19 -0.44 -15.12
C ILE A 172 -27.26 0.18 -16.52
N TYR A 173 -27.10 1.51 -16.60
CA TYR A 173 -27.10 2.17 -17.90
C TYR A 173 -25.98 1.67 -18.80
N TYR A 174 -24.86 1.23 -18.22
CA TYR A 174 -23.75 0.75 -19.01
C TYR A 174 -24.11 -0.55 -19.73
N LYS A 175 -24.73 -1.49 -19.01
CA LYS A 175 -25.06 -2.79 -19.60
C LYS A 175 -26.18 -2.67 -20.62
N LEU A 176 -27.17 -1.83 -20.35
CA LEU A 176 -28.33 -1.68 -21.23
C LEU A 176 -28.14 -0.60 -22.29
N ASN A 177 -27.00 0.10 -22.27
CA ASN A 177 -26.67 1.14 -23.25
C ASN A 177 -27.78 2.19 -23.35
N ASN A 178 -27.93 2.93 -22.25
CA ASN A 178 -28.78 4.12 -22.20
C ASN A 178 -30.26 3.83 -22.46
N ASP A 179 -30.60 2.58 -22.80
CA ASP A 179 -31.98 2.22 -23.08
C ASP A 179 -32.50 1.48 -21.86
N VAL A 180 -33.03 2.23 -20.90
CA VAL A 180 -33.51 1.70 -19.64
C VAL A 180 -35.03 2.00 -19.57
N PRO A 181 -35.86 1.02 -19.27
CA PRO A 181 -37.30 1.30 -19.22
C PRO A 181 -37.65 2.24 -18.07
N LYS A 182 -38.89 2.74 -18.10
CA LYS A 182 -39.31 3.68 -17.08
C LYS A 182 -39.45 2.98 -15.73
N GLN A 183 -39.93 1.73 -15.75
CA GLN A 183 -40.13 0.99 -14.50
C GLN A 183 -38.81 0.81 -13.75
N LEU A 184 -37.73 0.53 -14.48
CA LEU A 184 -36.44 0.36 -13.82
C LEU A 184 -35.93 1.65 -13.20
N THR A 185 -36.08 2.77 -13.91
CA THR A 185 -35.68 4.06 -13.36
C THR A 185 -36.58 4.46 -12.19
N ASP A 186 -37.87 4.12 -12.26
CA ASP A 186 -38.80 4.45 -11.18
C ASP A 186 -38.42 3.70 -9.90
N GLU A 187 -37.98 2.44 -10.04
CA GLU A 187 -37.47 1.72 -8.88
C GLU A 187 -36.24 2.42 -8.33
N LEU A 188 -35.35 2.86 -9.22
CA LEU A 188 -34.18 3.64 -8.81
C LEU A 188 -34.59 4.93 -8.12
N LYS A 189 -35.67 5.57 -8.60
CA LYS A 189 -36.19 6.75 -7.92
C LYS A 189 -36.64 6.39 -6.51
N GLU A 190 -37.36 5.29 -6.37
CA GLU A 190 -37.77 4.81 -5.05
C GLU A 190 -36.55 4.52 -4.17
N ALA A 191 -35.54 3.86 -4.75
CA ALA A 191 -34.35 3.48 -3.99
C ALA A 191 -33.57 4.69 -3.49
N ALA A 192 -33.55 5.78 -4.25
CA ALA A 192 -32.80 6.96 -3.81
C ALA A 192 -33.57 7.75 -2.77
N GLU A 193 -34.88 7.90 -2.96
CA GLU A 193 -35.70 8.62 -1.99
C GLU A 193 -35.64 7.98 -0.60
N ILE A 194 -35.46 6.67 -0.54
CA ILE A 194 -35.43 5.97 0.75
C ILE A 194 -34.06 6.12 1.41
N ALA A 195 -33.00 5.88 0.64
CA ALA A 195 -31.65 5.93 1.20
C ALA A 195 -31.35 7.28 1.84
N HIS A 196 -31.95 8.36 1.31
CA HIS A 196 -31.80 9.67 1.94
C HIS A 196 -32.62 9.76 3.22
N TYR A 197 -33.89 9.32 3.17
CA TYR A 197 -34.67 9.18 4.38
C TYR A 197 -33.97 8.30 5.41
N LEU A 198 -33.21 7.31 4.95
CA LEU A 198 -32.34 6.56 5.85
C LEU A 198 -31.23 7.44 6.39
N ASP A 199 -30.44 8.04 5.48
CA ASP A 199 -29.34 8.89 5.91
C ASP A 199 -29.81 10.04 6.80
N GLU A 200 -31.07 10.47 6.64
CA GLU A 200 -31.63 11.45 7.57
C GLU A 200 -31.98 10.80 8.90
N LYS A 201 -32.72 9.68 8.85
CA LYS A 201 -33.07 8.97 10.08
C LYS A 201 -31.82 8.51 10.81
N MET A 202 -30.85 7.95 10.07
CA MET A 202 -29.60 7.55 10.70
C MET A 202 -28.82 8.75 11.22
N LEU A 203 -29.04 9.93 10.62
CA LEU A 203 -28.39 11.14 11.09
C LEU A 203 -28.97 11.61 12.42
N GLY A 204 -30.31 11.61 12.51
CA GLY A 204 -30.97 12.05 13.74
C GLY A 204 -30.72 11.16 14.93
N ILE A 205 -30.37 9.89 14.70
CA ILE A 205 -30.08 8.99 15.81
C ILE A 205 -28.76 9.37 16.47
N LYS A 206 -27.78 9.82 15.67
CA LYS A 206 -26.52 10.30 16.22
C LYS A 206 -26.70 11.59 17.02
N LYS A 207 -27.66 12.43 16.62
CA LYS A 207 -27.87 13.71 17.28
C LYS A 207 -28.16 13.54 18.77
N GLU A 208 -28.91 12.50 19.13
CA GLU A 208 -29.26 12.20 20.51
C GLU A 208 -28.07 11.73 21.35
N VAL A 209 -26.87 11.67 20.78
CA VAL A 209 -25.69 11.21 21.51
C VAL A 209 -24.58 12.24 21.38
N GLU B 16 3.44 21.03 26.88
CA GLU B 16 2.10 20.48 27.04
C GLU B 16 1.49 20.11 25.70
N ASP B 17 1.51 21.03 24.75
CA ASP B 17 0.93 20.82 23.42
C ASP B 17 2.00 20.59 22.37
N TRP B 18 3.06 19.86 22.77
CA TRP B 18 3.96 19.20 21.83
C TRP B 18 3.23 18.41 20.75
N LYS B 19 1.99 18.01 21.00
CA LYS B 19 1.26 17.19 20.04
C LYS B 19 1.07 17.91 18.71
N ASN B 20 0.68 19.19 18.75
CA ASN B 20 0.39 19.89 17.50
C ASN B 20 1.66 20.19 16.70
N GLU B 21 2.72 20.67 17.37
CA GLU B 21 3.90 21.07 16.60
C GLU B 21 4.63 19.87 16.02
N LEU B 22 4.75 18.78 16.79
CA LEU B 22 5.37 17.59 16.24
C LEU B 22 4.53 16.98 15.12
N LEU B 23 3.20 17.20 15.17
CA LEU B 23 2.32 16.64 14.17
C LEU B 23 2.54 17.25 12.78
N VAL B 24 2.83 18.55 12.73
CA VAL B 24 3.08 19.21 11.44
C VAL B 24 4.27 18.57 10.74
N TYR B 25 5.25 18.08 11.50
CA TYR B 25 6.39 17.39 10.90
C TYR B 25 5.95 16.09 10.23
N LYS B 26 4.94 15.42 10.81
CA LYS B 26 4.35 14.27 10.15
C LYS B 26 3.66 14.67 8.84
N PHE B 27 2.93 15.80 8.85
CA PHE B 27 2.25 16.27 7.65
C PHE B 27 3.25 16.66 6.56
N ALA B 28 4.38 17.24 6.95
CA ALA B 28 5.38 17.65 5.96
C ALA B 28 5.91 16.46 5.17
N LEU B 29 6.09 15.32 5.83
CA LEU B 29 6.58 14.15 5.11
C LEU B 29 5.53 13.61 4.15
N ASP B 30 4.26 13.61 4.55
CA ASP B 30 3.20 13.21 3.62
C ASP B 30 3.24 14.06 2.35
N ALA B 31 3.53 15.35 2.49
CA ALA B 31 3.63 16.22 1.32
C ALA B 31 4.92 15.99 0.55
N LEU B 32 6.04 15.81 1.27
CA LEU B 32 7.30 15.54 0.57
C LEU B 32 7.27 14.18 -0.12
N ASP B 33 6.55 13.20 0.46
CA ASP B 33 6.49 11.88 -0.16
C ASP B 33 5.89 11.94 -1.55
N THR B 34 4.84 12.75 -1.74
CA THR B 34 4.26 12.90 -3.07
C THR B 34 5.17 13.69 -4.01
N LYS B 35 5.95 14.63 -3.47
CA LYS B 35 6.87 15.36 -4.34
C LYS B 35 7.90 14.42 -4.94
N PHE B 36 8.45 13.51 -4.12
CA PHE B 36 9.41 12.55 -4.65
C PHE B 36 8.71 11.48 -5.48
N SER B 37 7.45 11.16 -5.15
CA SER B 37 6.67 10.28 -6.00
C SER B 37 6.41 10.92 -7.35
N ILE B 38 6.16 12.24 -7.37
CA ILE B 38 5.92 12.95 -8.63
C ILE B 38 7.23 13.22 -9.37
N ILE B 39 8.31 13.52 -8.64
CA ILE B 39 9.60 13.75 -9.30
C ILE B 39 10.01 12.52 -10.09
N SER B 40 9.78 11.33 -9.53
CA SER B 40 10.11 10.10 -10.24
C SER B 40 9.15 9.83 -11.39
N GLN B 41 7.91 10.33 -11.32
CA GLN B 41 6.94 10.16 -12.39
C GLN B 41 7.20 11.08 -13.59
N GLU B 42 8.18 11.97 -13.49
CA GLU B 42 8.64 12.76 -14.64
C GLU B 42 9.82 12.09 -15.34
N TYR B 43 10.18 10.89 -14.90
CA TYR B 43 11.22 10.08 -15.51
C TYR B 43 10.73 8.69 -15.91
N ASN B 44 9.47 8.37 -15.62
CA ASN B 44 8.81 7.09 -15.91
C ASN B 44 9.61 6.02 -16.66
N GLY B 48 13.87 9.81 -19.36
CA GLY B 48 13.09 8.60 -19.51
C GLY B 48 13.63 7.44 -18.70
N HIS B 49 14.19 7.77 -17.53
CA HIS B 49 14.68 6.77 -16.59
C HIS B 49 14.64 7.38 -15.20
N ASN B 50 14.24 6.58 -14.20
CA ASN B 50 14.19 7.26 -12.91
C ASN B 50 15.36 6.86 -12.03
N PRO B 51 15.98 7.82 -11.35
CA PRO B 51 17.15 7.50 -10.51
C PRO B 51 16.80 7.17 -9.06
N ILE B 52 15.59 7.52 -8.65
CA ILE B 52 15.13 7.31 -7.28
C ILE B 52 14.55 5.92 -7.14
N GLU B 53 15.17 5.08 -6.31
CA GLU B 53 14.71 3.70 -6.20
C GLU B 53 13.68 3.51 -5.08
N HIS B 54 14.00 3.91 -3.85
CA HIS B 54 13.03 3.93 -2.77
C HIS B 54 13.13 5.23 -1.98
N THR B 55 12.06 5.52 -1.24
CA THR B 55 11.96 6.72 -0.42
C THR B 55 11.39 6.33 0.93
N LYS B 56 12.15 6.56 1.99
CA LYS B 56 11.76 6.18 3.35
C LYS B 56 11.69 7.44 4.21
N SER B 57 10.51 7.70 4.77
CA SER B 57 10.28 8.87 5.58
C SER B 57 10.26 8.48 7.04
N ARG B 58 10.94 9.27 7.88
CA ARG B 58 11.07 8.96 9.30
C ARG B 58 10.87 10.24 10.09
N VAL B 59 9.74 10.35 10.80
CA VAL B 59 9.54 11.43 11.76
C VAL B 59 10.26 11.02 13.04
N LYS B 60 11.06 11.92 13.59
CA LYS B 60 11.89 11.54 14.73
C LYS B 60 11.03 11.17 15.93
N SER B 61 11.52 10.23 16.72
CA SER B 61 10.77 9.66 17.82
C SER B 61 10.80 10.59 19.02
N PHE B 62 9.61 10.98 19.47
CA PHE B 62 9.35 11.83 20.63
C PHE B 62 10.51 11.81 21.62
N GLU B 63 11.03 10.60 21.87
CA GLU B 63 12.13 10.40 22.80
C GLU B 63 13.47 10.85 22.21
N SER B 64 13.74 10.53 20.93
CA SER B 64 15.02 10.87 20.33
C SER B 64 15.24 12.37 20.25
N ILE B 65 14.16 13.14 20.13
CA ILE B 65 14.29 14.59 20.07
C ILE B 65 14.97 15.10 21.34
N VAL B 66 14.55 14.59 22.50
CA VAL B 66 15.08 15.05 23.77
C VAL B 66 16.55 14.63 23.91
N ASN B 67 16.83 13.34 23.66
CA ASN B 67 18.19 12.82 23.76
C ASN B 67 19.14 13.54 22.81
N LYS B 68 18.64 13.91 21.62
CA LYS B 68 19.43 14.70 20.69
C LYS B 68 19.63 16.13 21.20
N LEU B 69 18.64 16.67 21.90
CA LEU B 69 18.67 17.99 22.50
C LEU B 69 19.55 18.08 23.75
N MET B 70 20.16 16.97 24.21
CA MET B 70 20.95 17.02 25.44
C MET B 70 22.19 17.91 25.34
N ARG B 71 22.51 18.43 24.16
CA ARG B 71 23.57 19.42 24.02
C ARG B 71 23.08 20.85 24.24
N LYS B 72 21.76 21.07 24.19
CA LYS B 72 21.16 22.38 24.40
C LYS B 72 20.26 22.32 25.63
N GLY B 73 19.14 23.03 25.60
CA GLY B 73 18.17 23.02 26.69
C GLY B 73 16.87 22.43 26.16
N CYS B 74 16.21 21.63 26.99
CA CYS B 74 15.03 20.93 26.53
C CYS B 74 13.87 21.90 26.29
N GLU B 75 12.82 21.38 25.67
CA GLU B 75 11.63 22.15 25.31
C GLU B 75 11.96 23.35 24.43
N GLU B 83 12.87 24.70 18.11
CA GLU B 83 12.79 24.01 16.82
C GLU B 83 14.04 24.25 16.00
N HIS B 84 15.21 24.12 16.61
CA HIS B 84 16.47 24.27 15.89
C HIS B 84 17.14 22.94 15.62
N ILE B 85 16.47 21.82 15.90
CA ILE B 85 16.91 20.49 15.48
C ILE B 85 16.32 20.24 14.10
N HIS B 86 17.17 19.93 13.12
CA HIS B 86 16.72 19.93 11.74
C HIS B 86 16.10 18.61 11.28
N ASP B 87 16.68 17.47 11.69
CA ASP B 87 16.25 16.17 11.18
C ASP B 87 15.04 15.61 11.92
N ILE B 88 14.13 16.47 12.37
CA ILE B 88 12.87 16.00 12.93
C ILE B 88 12.08 15.24 11.87
N ALA B 89 12.03 15.78 10.66
CA ALA B 89 11.46 15.09 9.51
C ALA B 89 12.62 14.73 8.58
N GLY B 90 12.81 13.44 8.36
CA GLY B 90 13.93 12.95 7.57
C GLY B 90 13.45 12.09 6.41
N VAL B 91 14.07 12.29 5.25
CA VAL B 91 13.77 11.53 4.04
C VAL B 91 15.08 11.07 3.45
N ARG B 92 15.15 9.80 3.06
CA ARG B 92 16.35 9.25 2.44
C ARG B 92 16.02 8.85 1.01
N ILE B 93 16.59 9.59 0.06
CA ILE B 93 16.53 9.22 -1.35
C ILE B 93 17.74 8.34 -1.61
N ILE B 94 17.50 7.07 -1.93
CA ILE B 94 18.58 6.13 -2.22
C ILE B 94 18.65 5.97 -3.73
N CYS B 95 19.71 6.48 -4.31
CA CYS B 95 19.90 6.48 -5.75
C CYS B 95 20.79 5.33 -6.18
N SER B 96 20.77 5.04 -7.48
CA SER B 96 21.55 3.92 -7.99
C SER B 96 23.02 4.29 -8.17
N PHE B 97 23.30 5.47 -8.70
CA PHE B 97 24.66 5.88 -9.02
C PHE B 97 24.94 7.27 -8.45
N ILE B 98 26.23 7.60 -8.37
CA ILE B 98 26.66 8.90 -7.85
C ILE B 98 26.10 10.02 -8.72
N SER B 99 26.13 9.84 -10.04
CA SER B 99 25.63 10.86 -10.95
C SER B 99 24.16 11.14 -10.72
N ASP B 100 23.40 10.12 -10.31
CA ASP B 100 21.97 10.28 -10.05
C ASP B 100 21.69 11.14 -8.82
N ILE B 101 22.64 11.25 -7.91
CA ILE B 101 22.43 12.06 -6.70
C ILE B 101 22.26 13.53 -7.09
N TYR B 102 23.23 14.07 -7.81
CA TYR B 102 23.22 15.49 -8.18
C TYR B 102 22.09 15.83 -9.13
N ASN B 103 21.59 14.85 -9.90
CA ASN B 103 20.41 15.09 -10.73
C ASN B 103 19.21 15.40 -9.85
N VAL B 104 19.10 14.71 -8.70
CA VAL B 104 18.03 15.01 -7.74
C VAL B 104 18.27 16.39 -7.13
N VAL B 105 19.53 16.75 -6.87
CA VAL B 105 19.85 18.06 -6.31
C VAL B 105 19.40 19.16 -7.28
N ASN B 106 19.77 19.04 -8.57
CA ASN B 106 19.36 20.04 -9.54
C ASN B 106 17.84 20.04 -9.75
N VAL B 107 17.19 18.88 -9.62
CA VAL B 107 15.74 18.87 -9.70
C VAL B 107 15.14 19.59 -8.49
N LEU B 108 15.69 19.34 -7.29
CA LEU B 108 15.19 19.99 -6.10
C LEU B 108 15.45 21.50 -6.09
N LYS B 109 16.40 21.99 -6.90
CA LYS B 109 16.63 23.42 -6.99
C LYS B 109 15.61 24.12 -7.86
N GLN B 110 15.10 23.44 -8.89
CA GLN B 110 14.13 24.01 -9.81
C GLN B 110 12.71 23.96 -9.28
N HIS B 111 12.54 23.70 -7.98
CA HIS B 111 11.25 23.70 -7.33
C HIS B 111 11.12 24.96 -6.48
N GLU B 112 9.94 25.60 -6.52
CA GLU B 112 9.75 26.78 -5.70
C GLU B 112 9.32 26.43 -4.29
N ASP B 113 8.45 25.43 -4.13
CA ASP B 113 7.84 25.16 -2.84
C ASP B 113 8.79 24.49 -1.85
N LEU B 114 10.09 24.73 -2.02
CA LEU B 114 11.11 24.38 -1.04
C LEU B 114 12.38 25.12 -1.40
N ARG B 115 13.02 25.68 -0.39
CA ARG B 115 14.27 26.43 -0.55
C ARG B 115 15.34 25.77 0.31
N ILE B 116 16.51 25.57 -0.27
CA ILE B 116 17.62 24.92 0.41
C ILE B 116 18.28 25.92 1.35
N VAL B 117 18.26 25.63 2.64
CA VAL B 117 18.88 26.49 3.64
C VAL B 117 20.36 26.18 3.78
N LYS B 118 20.70 24.89 3.82
CA LYS B 118 22.08 24.43 3.99
C LYS B 118 22.30 23.24 3.07
N VAL B 119 23.56 23.01 2.71
CA VAL B 119 23.93 21.87 1.89
C VAL B 119 25.29 21.35 2.38
N LYS B 120 25.36 20.05 2.62
CA LYS B 120 26.58 19.40 3.10
C LYS B 120 26.84 18.21 2.18
N ASP B 121 27.80 18.37 1.27
CA ASP B 121 28.16 17.29 0.35
C ASP B 121 29.24 16.48 1.06
N TYR B 122 28.84 15.49 1.85
CA TYR B 122 29.85 14.65 2.48
C TYR B 122 30.53 13.70 1.48
N ILE B 123 30.10 13.70 0.23
CA ILE B 123 30.88 13.10 -0.85
C ILE B 123 31.89 14.14 -1.29
N GLN B 124 33.12 13.69 -1.55
CA GLN B 124 34.27 14.52 -1.94
C GLN B 124 34.88 15.20 -0.70
N THR B 125 34.09 15.38 0.35
CA THR B 125 34.56 15.87 1.64
C THR B 125 34.06 14.96 2.75
N PRO B 126 34.48 13.69 2.77
CA PRO B 126 33.90 12.73 3.71
C PRO B 126 34.44 12.88 5.13
N LYS B 127 33.70 12.29 6.06
CA LYS B 127 34.09 12.27 7.47
C LYS B 127 35.27 11.31 7.68
N PRO B 128 35.96 11.43 8.83
CA PRO B 128 37.03 10.47 9.12
C PRO B 128 36.55 9.05 9.41
N ASN B 129 35.28 8.85 9.79
CA ASN B 129 34.79 7.48 9.96
C ASN B 129 34.59 6.78 8.62
N GLY B 130 34.55 7.54 7.52
CA GLY B 130 34.18 7.02 6.22
C GLY B 130 32.76 7.31 5.77
N TYR B 131 31.98 8.06 6.55
CA TYR B 131 30.58 8.31 6.19
C TYR B 131 30.52 9.22 4.97
N ARG B 132 29.72 8.82 3.98
CA ARG B 132 29.58 9.56 2.72
C ARG B 132 28.11 9.69 2.38
N SER B 133 27.67 10.91 2.11
CA SER B 133 26.30 11.20 1.68
C SER B 133 26.26 12.62 1.16
N LEU B 134 25.05 13.08 0.80
CA LEU B 134 24.83 14.45 0.36
C LEU B 134 23.59 14.95 1.10
N HIS B 135 23.81 15.59 2.24
CA HIS B 135 22.72 16.16 3.03
C HIS B 135 22.41 17.57 2.56
N LEU B 136 21.15 17.97 2.73
CA LEU B 136 20.72 19.33 2.44
C LEU B 136 19.45 19.62 3.21
N ILE B 137 19.49 20.64 4.09
CA ILE B 137 18.32 21.04 4.85
C ILE B 137 17.48 21.96 3.97
N ILE B 138 16.17 21.77 3.99
CA ILE B 138 15.26 22.56 3.18
C ILE B 138 14.21 23.19 4.10
N GLU B 139 13.46 24.13 3.55
CA GLU B 139 12.32 24.75 4.22
C GLU B 139 11.08 24.54 3.38
N MET B 140 10.08 23.87 3.95
CA MET B 140 8.93 23.41 3.19
C MET B 140 7.66 24.09 3.69
N PRO B 141 6.88 24.75 2.83
CA PRO B 141 5.59 25.28 3.26
C PRO B 141 4.56 24.15 3.28
N VAL B 142 3.79 24.08 4.37
CA VAL B 142 2.79 23.02 4.56
C VAL B 142 1.43 23.70 4.67
N ASN B 143 0.59 23.52 3.65
CA ASN B 143 -0.74 24.09 3.65
C ASN B 143 -1.62 23.25 4.58
N LEU B 144 -2.00 23.83 5.72
CA LEU B 144 -2.90 23.15 6.64
C LEU B 144 -4.24 23.87 6.65
N THR B 145 -5.14 23.42 7.54
CA THR B 145 -6.46 24.02 7.62
C THR B 145 -6.39 25.39 8.29
N ASN B 146 -5.71 25.48 9.43
CA ASN B 146 -5.57 26.75 10.13
C ASN B 146 -4.84 27.75 9.24
N ARG B 147 -3.54 27.57 9.04
CA ARG B 147 -2.78 28.35 8.07
C ARG B 147 -1.64 27.50 7.52
N VAL B 148 -0.56 28.15 7.09
CA VAL B 148 0.58 27.44 6.53
C VAL B 148 1.75 27.62 7.50
N GLU B 149 2.57 26.57 7.62
CA GLU B 149 3.75 26.61 8.47
C GLU B 149 4.96 26.26 7.63
N TYR B 150 6.08 26.94 7.90
CA TYR B 150 7.31 26.73 7.15
C TYR B 150 8.23 25.91 8.05
N VAL B 151 8.42 24.65 7.67
CA VAL B 151 9.14 23.68 8.49
C VAL B 151 10.45 23.29 7.80
N LYS B 152 11.39 22.78 8.60
CA LYS B 152 12.67 22.33 8.11
C LYS B 152 12.68 20.81 8.00
N ALA B 153 13.37 20.31 6.98
CA ALA B 153 13.56 18.89 6.77
C ALA B 153 14.96 18.65 6.23
N GLU B 154 15.59 17.56 6.66
CA GLU B 154 16.92 17.20 6.19
C GLU B 154 16.81 15.99 5.28
N ILE B 155 17.13 16.18 4.00
CA ILE B 155 17.11 15.11 3.02
C ILE B 155 18.52 14.56 2.88
N GLN B 156 18.65 13.24 2.95
CA GLN B 156 19.94 12.56 2.82
C GLN B 156 19.86 11.69 1.57
N ILE B 157 20.59 12.07 0.53
CA ILE B 157 20.59 11.37 -0.75
C ILE B 157 21.83 10.48 -0.79
N ARG B 158 21.62 9.20 -1.10
CA ARG B 158 22.69 8.21 -1.01
C ARG B 158 22.57 7.21 -2.15
N THR B 159 23.65 6.47 -2.37
CA THR B 159 23.62 5.31 -3.24
C THR B 159 23.12 4.11 -2.45
N ILE B 160 23.18 2.92 -3.06
CA ILE B 160 22.76 1.71 -2.36
C ILE B 160 23.76 1.39 -1.24
N ALA B 161 25.05 1.40 -1.57
CA ALA B 161 26.08 1.02 -0.61
C ALA B 161 26.20 2.04 0.53
N MET B 162 25.86 3.32 0.27
CA MET B 162 25.95 4.31 1.33
C MET B 162 24.90 4.07 2.41
N ASP B 163 23.67 3.76 2.01
CA ASP B 163 22.63 3.51 3.00
C ASP B 163 22.89 2.21 3.76
N PHE B 164 23.56 1.24 3.13
CA PHE B 164 23.83 -0.01 3.81
C PHE B 164 25.01 0.14 4.79
N TRP B 165 26.03 0.93 4.42
CA TRP B 165 27.13 1.15 5.34
C TRP B 165 26.70 1.98 6.54
N ALA B 166 25.81 2.95 6.32
CA ALA B 166 25.31 3.76 7.44
C ALA B 166 24.45 2.91 8.36
N SER B 167 23.53 2.12 7.79
CA SER B 167 22.70 1.24 8.59
C SER B 167 23.54 0.25 9.38
N LEU B 168 24.71 -0.14 8.85
CA LEU B 168 25.58 -1.05 9.57
C LEU B 168 26.27 -0.36 10.73
N GLU B 169 26.83 0.84 10.50
CA GLU B 169 27.55 1.54 11.55
C GLU B 169 26.65 1.87 12.73
N HIS B 170 25.42 2.34 12.45
CA HIS B 170 24.51 2.64 13.55
C HIS B 170 24.18 1.40 14.37
N LYS B 171 23.94 0.28 13.69
CA LYS B 171 23.62 -0.96 14.41
C LYS B 171 24.79 -1.45 15.25
N ILE B 172 26.02 -1.10 14.85
CA ILE B 172 27.20 -1.48 15.62
C ILE B 172 27.33 -0.62 16.87
N TYR B 173 27.30 0.71 16.69
CA TYR B 173 27.42 1.62 17.83
C TYR B 173 26.29 1.40 18.83
N TYR B 174 25.13 0.94 18.36
CA TYR B 174 24.02 0.65 19.26
C TYR B 174 24.34 -0.52 20.18
N LYS B 175 24.87 -1.60 19.61
CA LYS B 175 25.16 -2.80 20.40
C LYS B 175 26.34 -2.58 21.35
N LEU B 176 27.34 -1.83 20.92
CA LEU B 176 28.54 -1.60 21.72
C LEU B 176 28.43 -0.38 22.62
N ASN B 177 27.29 0.33 22.56
CA ASN B 177 27.04 1.54 23.35
C ASN B 177 28.18 2.56 23.16
N ASN B 178 28.26 3.05 21.92
CA ASN B 178 29.14 4.16 21.57
C ASN B 178 30.62 3.81 21.81
N ASP B 179 30.87 2.62 22.36
CA ASP B 179 32.20 2.14 22.74
C ASP B 179 32.66 1.13 21.70
N VAL B 180 33.35 1.59 20.67
CA VAL B 180 33.77 0.77 19.54
C VAL B 180 35.30 0.73 19.51
N PRO B 181 35.90 -0.45 19.39
CA PRO B 181 37.38 -0.54 19.34
C PRO B 181 37.94 0.09 18.07
N LYS B 182 39.27 0.24 18.05
CA LYS B 182 39.93 0.93 16.94
C LYS B 182 39.85 0.12 15.64
N GLN B 183 40.09 -1.19 15.70
CA GLN B 183 40.11 -1.98 14.48
C GLN B 183 38.75 -1.99 13.80
N LEU B 184 37.67 -2.08 14.59
CA LEU B 184 36.34 -2.11 14.00
C LEU B 184 36.04 -0.82 13.27
N THR B 185 36.42 0.33 13.85
CA THR B 185 36.21 1.60 13.17
C THR B 185 37.09 1.70 11.93
N ASP B 186 38.32 1.19 12.02
CA ASP B 186 39.23 1.21 10.88
C ASP B 186 38.78 0.25 9.78
N GLU B 187 38.29 -0.94 10.16
CA GLU B 187 37.76 -1.87 9.16
C GLU B 187 36.56 -1.26 8.44
N LEU B 188 35.67 -0.59 9.18
CA LEU B 188 34.52 0.06 8.56
C LEU B 188 34.96 1.10 7.54
N LYS B 189 36.02 1.86 7.85
CA LYS B 189 36.56 2.78 6.85
C LYS B 189 37.11 2.03 5.65
N GLU B 190 37.84 0.95 5.90
CA GLU B 190 38.28 0.09 4.79
C GLU B 190 37.08 -0.44 4.02
N ALA B 191 36.03 -0.85 4.74
CA ALA B 191 34.81 -1.31 4.09
C ALA B 191 34.14 -0.17 3.32
N ALA B 192 34.28 1.06 3.82
CA ALA B 192 33.70 2.22 3.15
C ALA B 192 34.54 2.66 1.97
N GLU B 193 35.87 2.62 2.11
CA GLU B 193 36.75 3.00 1.00
C GLU B 193 36.48 2.16 -0.24
N ILE B 194 36.07 0.91 -0.05
CA ILE B 194 35.84 0.00 -1.17
C ILE B 194 34.47 0.24 -1.80
N ALA B 195 33.43 0.34 -0.97
CA ALA B 195 32.08 0.48 -1.48
C ALA B 195 31.92 1.71 -2.37
N HIS B 196 32.66 2.79 -2.09
CA HIS B 196 32.62 3.94 -2.97
C HIS B 196 33.45 3.70 -4.23
N TYR B 197 34.65 3.15 -4.07
CA TYR B 197 35.42 2.70 -5.23
C TYR B 197 34.60 1.74 -6.08
N LEU B 198 33.71 0.97 -5.45
CA LEU B 198 32.74 0.19 -6.20
C LEU B 198 31.79 1.12 -6.94
N ASP B 199 31.09 1.99 -6.21
CA ASP B 199 30.13 2.92 -6.81
C ASP B 199 30.78 3.79 -7.89
N GLU B 200 32.09 4.04 -7.79
CA GLU B 200 32.78 4.75 -8.85
C GLU B 200 32.99 3.84 -10.07
N LYS B 201 33.54 2.64 -9.83
CA LYS B 201 33.75 1.68 -10.92
C LYS B 201 32.41 1.28 -11.55
N MET B 202 31.40 1.02 -10.72
CA MET B 202 30.08 0.67 -11.25
C MET B 202 29.47 1.82 -12.03
N LEU B 203 29.89 3.06 -11.75
CA LEU B 203 29.36 4.21 -12.48
C LEU B 203 29.88 4.26 -13.91
N GLY B 204 31.19 4.07 -14.09
CA GLY B 204 31.78 4.12 -15.41
C GLY B 204 31.31 3.04 -16.35
N ILE B 205 30.84 1.92 -15.81
CA ILE B 205 30.35 0.83 -16.65
C ILE B 205 29.06 1.24 -17.35
N LYS B 206 28.20 2.02 -16.66
CA LYS B 206 27.02 2.58 -17.31
C LYS B 206 27.40 3.60 -18.38
N LYS B 207 28.49 4.34 -18.14
CA LYS B 207 28.91 5.37 -19.08
C LYS B 207 29.29 4.79 -20.45
N GLU B 208 29.87 3.59 -20.48
CA GLU B 208 30.21 2.94 -21.74
C GLU B 208 28.98 2.57 -22.57
N VAL B 209 27.77 2.85 -22.09
CA VAL B 209 26.55 2.49 -22.79
C VAL B 209 25.67 3.72 -22.95
N TRP C 18 2.26 -14.52 25.85
CA TRP C 18 1.09 -13.93 25.21
C TRP C 18 1.53 -13.06 24.04
N LYS C 19 2.79 -12.62 24.07
CA LYS C 19 3.33 -11.83 22.97
C LYS C 19 3.37 -12.66 21.68
N ASN C 20 3.87 -13.89 21.79
CA ASN C 20 4.06 -14.74 20.62
C ASN C 20 2.73 -15.28 20.10
N GLU C 21 1.82 -15.68 21.00
CA GLU C 21 0.64 -16.41 20.58
C GLU C 21 -0.32 -15.55 19.76
N LEU C 22 -0.52 -14.29 20.15
CA LEU C 22 -1.38 -13.42 19.36
C LEU C 22 -0.77 -13.11 18.01
N LEU C 23 0.56 -13.19 17.89
CA LEU C 23 1.20 -12.93 16.60
C LEU C 23 0.80 -13.97 15.56
N VAL C 24 0.62 -15.23 15.98
CA VAL C 24 0.16 -16.25 15.04
C VAL C 24 -1.20 -15.87 14.47
N TYR C 25 -2.05 -15.26 15.31
CA TYR C 25 -3.35 -14.77 14.84
C TYR C 25 -3.19 -13.61 13.87
N LYS C 26 -2.17 -12.78 14.07
CA LYS C 26 -1.87 -11.72 13.11
C LYS C 26 -1.49 -12.29 11.76
N PHE C 27 -0.70 -13.38 11.75
CA PHE C 27 -0.31 -14.01 10.50
C PHE C 27 -1.53 -14.60 9.78
N ALA C 28 -2.46 -15.18 10.56
CA ALA C 28 -3.64 -15.80 9.96
C ALA C 28 -4.47 -14.78 9.18
N LEU C 29 -4.60 -13.57 9.71
CA LEU C 29 -5.36 -12.55 9.01
C LEU C 29 -4.63 -12.06 7.77
N ASP C 30 -3.32 -11.84 7.88
CA ASP C 30 -2.51 -11.45 6.72
C ASP C 30 -2.63 -12.46 5.59
N ALA C 31 -2.75 -13.75 5.94
CA ALA C 31 -2.89 -14.78 4.92
C ALA C 31 -4.26 -14.74 4.26
N LEU C 32 -5.32 -14.47 5.04
CA LEU C 32 -6.66 -14.40 4.48
C LEU C 32 -6.82 -13.22 3.52
N ASP C 33 -6.09 -12.13 3.74
CA ASP C 33 -6.23 -10.95 2.88
C ASP C 33 -5.97 -11.28 1.42
N THR C 34 -4.94 -12.08 1.15
CA THR C 34 -4.67 -12.49 -0.23
C THR C 34 -5.71 -13.48 -0.74
N LYS C 35 -6.27 -14.30 0.16
CA LYS C 35 -7.34 -15.21 -0.25
C LYS C 35 -8.57 -14.44 -0.72
N PHE C 36 -8.95 -13.39 0.02
CA PHE C 36 -10.09 -12.57 -0.39
C PHE C 36 -9.74 -11.69 -1.58
N SER C 37 -8.47 -11.26 -1.68
CA SER C 37 -8.02 -10.53 -2.85
C SER C 37 -8.07 -11.41 -4.10
N ILE C 38 -7.77 -12.70 -3.94
CA ILE C 38 -7.78 -13.62 -5.07
C ILE C 38 -9.21 -14.01 -5.44
N ILE C 39 -10.08 -14.20 -4.44
CA ILE C 39 -11.47 -14.54 -4.71
C ILE C 39 -12.12 -13.46 -5.56
N SER C 40 -11.80 -12.20 -5.27
CA SER C 40 -12.35 -11.10 -6.05
C SER C 40 -11.74 -11.04 -7.45
N GLN C 41 -10.50 -11.53 -7.62
CA GLN C 41 -9.85 -11.57 -8.92
C GLN C 41 -10.32 -12.73 -9.80
N GLU C 42 -11.23 -13.58 -9.32
CA GLU C 42 -11.90 -14.53 -10.20
C GLU C 42 -13.20 -13.96 -10.74
N TYR C 43 -13.50 -12.70 -10.42
CA TYR C 43 -14.63 -11.98 -10.97
C TYR C 43 -14.19 -10.70 -11.65
N ASN C 44 -12.90 -10.35 -11.54
CA ASN C 44 -12.28 -9.14 -12.11
C ASN C 44 -13.16 -8.22 -12.95
N GLY C 48 -18.56 -11.25 -13.81
CA GLY C 48 -17.59 -10.28 -14.29
C GLY C 48 -17.57 -8.99 -13.49
N HIS C 49 -17.83 -9.10 -12.18
CA HIS C 49 -17.77 -7.96 -11.28
C HIS C 49 -17.45 -8.49 -9.90
N ASN C 50 -16.66 -7.73 -9.14
CA ASN C 50 -16.35 -8.31 -7.84
C ASN C 50 -17.21 -7.69 -6.74
N PRO C 51 -17.70 -8.51 -5.82
CA PRO C 51 -18.62 -8.01 -4.79
C PRO C 51 -17.95 -7.49 -3.53
N ILE C 52 -16.70 -7.86 -3.32
CA ILE C 52 -15.99 -7.46 -2.11
C ILE C 52 -15.38 -6.08 -2.38
N GLU C 53 -15.88 -5.06 -1.67
CA GLU C 53 -15.47 -3.69 -1.91
C GLU C 53 -14.34 -3.26 -0.98
N HIS C 54 -14.52 -3.45 0.34
CA HIS C 54 -13.43 -3.29 1.30
C HIS C 54 -13.46 -4.44 2.31
N THR C 55 -12.30 -4.67 2.94
CA THR C 55 -12.12 -5.75 3.91
C THR C 55 -11.32 -5.21 5.08
N LYS C 56 -11.90 -5.28 6.28
CA LYS C 56 -11.27 -4.75 7.49
C LYS C 56 -11.05 -5.86 8.50
N SER C 57 -9.79 -6.10 8.86
CA SER C 57 -9.40 -7.14 9.80
C SER C 57 -9.01 -6.51 11.13
N ARG C 58 -9.48 -7.11 12.23
CA ARG C 58 -9.26 -6.56 13.57
C ARG C 58 -8.85 -7.68 14.52
N VAL C 59 -7.59 -7.69 14.94
CA VAL C 59 -7.15 -8.62 15.98
C VAL C 59 -7.48 -7.99 17.33
N LYS C 60 -8.25 -8.72 18.15
CA LYS C 60 -8.65 -8.17 19.44
C LYS C 60 -7.46 -8.12 20.41
N SER C 61 -7.48 -7.13 21.28
CA SER C 61 -6.36 -6.88 22.17
C SER C 61 -6.39 -7.83 23.36
N PHE C 62 -5.26 -7.91 24.07
CA PHE C 62 -5.15 -8.78 25.24
C PHE C 62 -6.22 -8.47 26.29
N GLU C 63 -6.48 -7.19 26.54
CA GLU C 63 -7.43 -6.85 27.58
C GLU C 63 -8.86 -7.23 27.18
N SER C 64 -9.21 -7.01 25.91
CA SER C 64 -10.54 -7.38 25.45
C SER C 64 -10.77 -8.88 25.52
N ILE C 65 -9.73 -9.69 25.35
CA ILE C 65 -9.86 -11.14 25.45
C ILE C 65 -10.32 -11.55 26.85
N VAL C 66 -9.64 -11.01 27.88
CA VAL C 66 -9.89 -11.43 29.26
C VAL C 66 -11.29 -11.00 29.71
N ASN C 67 -11.64 -9.74 29.48
CA ASN C 67 -12.95 -9.24 29.92
C ASN C 67 -14.09 -10.03 29.28
N LYS C 68 -13.92 -10.44 28.02
CA LYS C 68 -14.89 -11.34 27.40
C LYS C 68 -14.75 -12.75 27.95
N LEU C 69 -13.53 -13.17 28.27
CA LEU C 69 -13.31 -14.43 28.97
C LEU C 69 -13.75 -14.40 30.43
N MET C 70 -14.12 -13.22 30.94
CA MET C 70 -14.50 -13.10 32.35
C MET C 70 -15.78 -13.84 32.67
N ARG C 71 -16.46 -14.41 31.68
CA ARG C 71 -17.59 -15.29 31.94
C ARG C 71 -17.19 -16.74 32.20
N LYS C 72 -16.00 -17.16 31.81
CA LYS C 72 -15.57 -18.53 32.11
C LYS C 72 -14.26 -18.51 32.90
N GLY C 73 -13.39 -19.48 32.64
CA GLY C 73 -12.10 -19.57 33.33
C GLY C 73 -10.95 -19.38 32.36
N CYS C 74 -9.91 -18.69 32.83
CA CYS C 74 -8.75 -18.38 31.99
C CYS C 74 -7.94 -19.64 31.63
N GLU C 83 -8.03 -20.75 24.72
CA GLU C 83 -8.22 -20.36 23.34
C GLU C 83 -9.49 -20.96 22.74
N HIS C 84 -10.60 -20.87 23.47
CA HIS C 84 -11.88 -21.33 22.96
C HIS C 84 -12.79 -20.18 22.54
N ILE C 85 -12.26 -18.95 22.54
CA ILE C 85 -12.95 -17.78 22.01
C ILE C 85 -12.61 -17.65 20.53
N HIS C 86 -13.65 -17.57 19.69
CA HIS C 86 -13.47 -17.69 18.25
C HIS C 86 -13.11 -16.37 17.59
N ASP C 87 -13.70 -15.25 18.03
CA ASP C 87 -13.48 -13.99 17.34
C ASP C 87 -12.19 -13.30 17.77
N ILE C 88 -11.15 -14.08 18.09
CA ILE C 88 -9.84 -13.49 18.36
C ILE C 88 -9.33 -12.76 17.13
N ALA C 89 -9.47 -13.40 15.97
CA ALA C 89 -9.17 -12.78 14.68
C ALA C 89 -10.49 -12.59 13.94
N GLY C 90 -10.81 -11.35 13.61
CA GLY C 90 -12.07 -11.01 12.97
C GLY C 90 -11.85 -10.34 11.62
N VAL C 91 -12.66 -10.74 10.65
CA VAL C 91 -12.61 -10.19 9.30
C VAL C 91 -14.02 -9.82 8.88
N ARG C 92 -14.17 -8.63 8.32
CA ARG C 92 -15.46 -8.15 7.84
C ARG C 92 -15.39 -8.01 6.32
N ILE C 93 -16.09 -8.89 5.62
CA ILE C 93 -16.27 -8.78 4.18
C ILE C 93 -17.55 -7.98 3.95
N ILE C 94 -17.41 -6.80 3.37
CA ILE C 94 -18.56 -5.96 3.07
C ILE C 94 -18.84 -6.14 1.60
N CYS C 95 -19.94 -6.80 1.29
CA CYS C 95 -20.30 -7.12 -0.09
C CYS C 95 -21.30 -6.10 -0.60
N SER C 96 -21.46 -6.08 -1.93
CA SER C 96 -22.33 -5.08 -2.55
C SER C 96 -23.80 -5.45 -2.42
N PHE C 97 -24.12 -6.72 -2.63
CA PHE C 97 -25.50 -7.18 -2.62
C PHE C 97 -25.64 -8.38 -1.69
N ILE C 98 -26.88 -8.64 -1.28
CA ILE C 98 -27.16 -9.76 -0.38
C ILE C 98 -26.80 -11.08 -1.05
N SER C 99 -27.15 -11.22 -2.33
CA SER C 99 -26.86 -12.46 -3.05
C SER C 99 -25.36 -12.74 -3.10
N ASP C 100 -24.54 -11.68 -3.18
CA ASP C 100 -23.09 -11.85 -3.21
C ASP C 100 -22.55 -12.36 -1.88
N ILE C 101 -23.27 -12.15 -0.78
CA ILE C 101 -22.81 -12.63 0.51
C ILE C 101 -22.71 -14.15 0.51
N TYR C 102 -23.82 -14.83 0.17
CA TYR C 102 -23.81 -16.29 0.15
C TYR C 102 -22.88 -16.85 -0.91
N ASN C 103 -22.59 -16.08 -1.97
CA ASN C 103 -21.62 -16.52 -2.96
C ASN C 103 -20.22 -16.65 -2.35
N VAL C 104 -19.84 -15.72 -1.47
CA VAL C 104 -18.56 -15.84 -0.79
C VAL C 104 -18.57 -17.04 0.16
N VAL C 105 -19.71 -17.28 0.83
CA VAL C 105 -19.84 -18.44 1.70
C VAL C 105 -19.67 -19.72 0.87
N ASN C 106 -20.37 -19.80 -0.26
CA ASN C 106 -20.28 -20.97 -1.13
C ASN C 106 -18.88 -21.11 -1.72
N VAL C 107 -18.19 -19.99 -1.99
CA VAL C 107 -16.82 -20.06 -2.47
C VAL C 107 -15.89 -20.57 -1.38
N LEU C 108 -16.06 -20.08 -0.14
CA LEU C 108 -15.20 -20.52 0.96
C LEU C 108 -15.42 -21.99 1.32
N LYS C 109 -16.55 -22.59 0.91
CA LYS C 109 -16.77 -24.00 1.20
C LYS C 109 -15.97 -24.90 0.26
N GLN C 110 -15.75 -24.46 -0.98
CA GLN C 110 -14.98 -25.24 -1.93
C GLN C 110 -13.48 -25.06 -1.74
N HIS C 111 -13.06 -24.50 -0.61
CA HIS C 111 -11.66 -24.31 -0.28
C HIS C 111 -11.24 -25.37 0.72
N GLU C 112 -10.05 -25.95 0.51
CA GLU C 112 -9.53 -26.99 1.38
C GLU C 112 -8.76 -26.43 2.57
N ASP C 113 -7.98 -25.37 2.38
CA ASP C 113 -7.09 -24.86 3.41
C ASP C 113 -7.82 -24.10 4.52
N LEU C 114 -9.11 -24.38 4.71
CA LEU C 114 -9.89 -23.87 5.82
C LEU C 114 -11.19 -24.63 5.88
N ARG C 115 -11.64 -24.97 7.09
CA ARG C 115 -12.87 -25.70 7.30
C ARG C 115 -13.84 -24.89 8.15
N ILE C 116 -15.10 -24.87 7.74
CA ILE C 116 -16.13 -24.10 8.43
C ILE C 116 -16.52 -24.84 9.70
N VAL C 117 -16.29 -24.22 10.85
CA VAL C 117 -16.64 -24.84 12.13
C VAL C 117 -18.09 -24.51 12.52
N LYS C 118 -18.49 -23.25 12.39
CA LYS C 118 -19.83 -22.82 12.76
C LYS C 118 -20.34 -21.82 11.73
N VAL C 119 -21.66 -21.70 11.63
CA VAL C 119 -22.29 -20.74 10.74
C VAL C 119 -23.53 -20.18 11.42
N LYS C 120 -23.62 -18.85 11.46
CA LYS C 120 -24.76 -18.14 12.06
C LYS C 120 -25.20 -17.10 11.03
N ASP C 121 -26.29 -17.39 10.34
CA ASP C 121 -26.84 -16.48 9.33
C ASP C 121 -27.82 -15.56 10.05
N TYR C 122 -27.31 -14.43 10.57
CA TYR C 122 -28.24 -13.51 11.22
C TYR C 122 -29.11 -12.77 10.21
N ILE C 123 -28.94 -13.02 8.92
CA ILE C 123 -29.90 -12.59 7.92
C ILE C 123 -30.96 -13.68 7.87
N GLN C 124 -32.24 -13.27 7.76
CA GLN C 124 -33.44 -14.10 7.76
C GLN C 124 -33.86 -14.50 9.18
N THR C 125 -32.89 -14.58 10.09
CA THR C 125 -33.16 -14.81 11.51
C THR C 125 -32.38 -13.81 12.35
N PRO C 126 -32.67 -12.52 12.20
CA PRO C 126 -31.85 -11.50 12.85
C PRO C 126 -32.12 -11.43 14.34
N LYS C 127 -31.22 -10.74 15.03
CA LYS C 127 -31.37 -10.53 16.46
C LYS C 127 -32.56 -9.59 16.68
N PRO C 128 -33.07 -9.50 17.89
CA PRO C 128 -34.12 -8.51 18.17
C PRO C 128 -33.61 -7.10 18.04
N ASN C 129 -32.29 -6.92 17.99
CA ASN C 129 -31.68 -5.63 17.78
C ASN C 129 -31.95 -5.09 16.38
N GLY C 130 -32.31 -5.98 15.46
CA GLY C 130 -32.36 -5.65 14.05
C GLY C 130 -31.07 -6.00 13.37
N TYR C 131 -30.11 -6.55 14.12
CA TYR C 131 -28.78 -6.82 13.61
C TYR C 131 -28.81 -7.96 12.60
N ARG C 132 -28.17 -7.74 11.45
CA ARG C 132 -28.12 -8.71 10.37
C ARG C 132 -26.69 -8.86 9.88
N SER C 133 -26.22 -10.10 9.83
CA SER C 133 -24.90 -10.42 9.28
C SER C 133 -24.86 -11.91 9.04
N LEU C 134 -23.72 -12.40 8.55
CA LEU C 134 -23.51 -13.83 8.36
C LEU C 134 -22.10 -14.12 8.88
N HIS C 135 -22.02 -14.51 10.15
CA HIS C 135 -20.75 -14.88 10.76
C HIS C 135 -20.47 -16.36 10.48
N LEU C 136 -19.19 -16.71 10.42
CA LEU C 136 -18.80 -18.11 10.31
C LEU C 136 -17.37 -18.26 10.83
N ILE C 137 -17.23 -19.07 11.86
CA ILE C 137 -15.92 -19.35 12.44
C ILE C 137 -15.26 -20.46 11.61
N ILE C 138 -13.97 -20.32 11.34
CA ILE C 138 -13.23 -21.29 10.54
C ILE C 138 -12.05 -21.79 11.36
N GLU C 139 -11.39 -22.82 10.84
CA GLU C 139 -10.14 -23.30 11.40
C GLU C 139 -9.08 -23.17 10.32
N MET C 140 -8.06 -22.36 10.59
CA MET C 140 -7.10 -21.92 9.58
C MET C 140 -5.71 -22.43 9.94
N PRO C 141 -5.04 -23.15 9.04
CA PRO C 141 -3.64 -23.52 9.30
C PRO C 141 -2.71 -22.35 9.02
N VAL C 142 -1.77 -22.12 9.93
CA VAL C 142 -0.78 -21.04 9.80
C VAL C 142 0.58 -21.71 9.74
N ASN C 143 1.20 -21.70 8.56
CA ASN C 143 2.50 -22.32 8.34
C ASN C 143 3.58 -21.41 8.94
N LEU C 144 4.22 -21.87 10.02
CA LEU C 144 5.31 -21.14 10.64
C LEU C 144 6.62 -21.89 10.38
N THR C 145 7.70 -21.44 11.01
CA THR C 145 9.01 -22.03 10.76
C THR C 145 9.13 -23.42 11.39
N ASN C 146 8.81 -23.53 12.68
CA ASN C 146 8.88 -24.83 13.36
C ASN C 146 7.90 -25.81 12.73
N ARG C 147 6.60 -25.59 12.93
CA ARG C 147 5.57 -26.40 12.30
C ARG C 147 4.34 -25.56 11.98
N VAL C 148 3.16 -26.20 11.93
CA VAL C 148 1.92 -25.53 11.57
C VAL C 148 1.01 -25.49 12.80
N GLU C 149 0.24 -24.41 12.91
CA GLU C 149 -0.75 -24.24 13.96
C GLU C 149 -2.12 -24.02 13.32
N TYR C 150 -3.15 -24.61 13.91
CA TYR C 150 -4.51 -24.49 13.41
C TYR C 150 -5.26 -23.52 14.32
N VAL C 151 -5.56 -22.33 13.80
CA VAL C 151 -6.16 -21.27 14.58
C VAL C 151 -7.57 -21.01 14.06
N LYS C 152 -8.40 -20.44 14.92
CA LYS C 152 -9.78 -20.10 14.58
C LYS C 152 -9.90 -18.61 14.28
N ALA C 153 -10.77 -18.28 13.33
CA ALA C 153 -11.06 -16.91 12.95
C ALA C 153 -12.55 -16.80 12.66
N GLU C 154 -13.14 -15.67 13.01
CA GLU C 154 -14.57 -15.43 12.78
C GLU C 154 -14.72 -14.40 11.65
N ILE C 155 -15.29 -14.83 10.54
CA ILE C 155 -15.54 -13.96 9.40
C ILE C 155 -16.96 -13.43 9.49
N GLN C 156 -17.12 -12.12 9.35
CA GLN C 156 -18.41 -11.45 9.40
C GLN C 156 -18.68 -10.83 8.04
N ILE C 157 -19.62 -11.42 7.30
CA ILE C 157 -19.93 -10.96 5.95
C ILE C 157 -21.19 -10.11 5.99
N ARG C 158 -21.12 -8.91 5.41
CA ARG C 158 -22.19 -7.93 5.51
C ARG C 158 -22.34 -7.22 4.17
N THR C 159 -23.49 -6.56 4.01
CA THR C 159 -23.65 -5.59 2.93
C THR C 159 -23.10 -4.25 3.43
N ILE C 160 -23.33 -3.19 2.65
CA ILE C 160 -22.86 -1.88 3.06
C ILE C 160 -23.65 -1.37 4.25
N ALA C 161 -24.98 -1.41 4.15
CA ALA C 161 -25.83 -0.87 5.21
C ALA C 161 -25.71 -1.66 6.50
N MET C 162 -25.40 -2.96 6.41
CA MET C 162 -25.24 -3.76 7.62
C MET C 162 -24.03 -3.32 8.41
N ASP C 163 -22.91 -3.05 7.72
CA ASP C 163 -21.72 -2.57 8.41
C ASP C 163 -21.92 -1.16 8.94
N PHE C 164 -22.75 -0.35 8.28
CA PHE C 164 -22.99 1.01 8.76
C PHE C 164 -23.98 1.02 9.91
N TRP C 165 -25.00 0.16 9.86
CA TRP C 165 -25.93 0.07 10.97
C TRP C 165 -25.26 -0.54 12.20
N ALA C 166 -24.39 -1.53 11.99
CA ALA C 166 -23.66 -2.15 13.10
C ALA C 166 -22.67 -1.18 13.71
N SER C 167 -21.85 -0.53 12.87
CA SER C 167 -20.87 0.44 13.36
C SER C 167 -21.54 1.58 14.11
N LEU C 168 -22.77 1.96 13.72
CA LEU C 168 -23.44 3.05 14.42
C LEU C 168 -23.93 2.61 15.80
N GLU C 169 -24.56 1.41 15.87
CA GLU C 169 -25.07 0.93 17.15
C GLU C 169 -23.95 0.75 18.15
N HIS C 170 -22.82 0.19 17.72
CA HIS C 170 -21.68 0.00 18.62
C HIS C 170 -21.18 1.34 19.14
N LYS C 171 -21.09 2.35 18.27
CA LYS C 171 -20.64 3.67 18.71
C LYS C 171 -21.66 4.33 19.64
N ILE C 172 -22.93 3.96 19.53
CA ILE C 172 -23.95 4.48 20.45
C ILE C 172 -23.80 3.82 21.81
N TYR C 173 -23.78 2.48 21.83
CA TYR C 173 -23.61 1.75 23.08
C TYR C 173 -22.29 2.07 23.76
N TYR C 174 -21.26 2.42 22.97
CA TYR C 174 -19.98 2.78 23.57
C TYR C 174 -20.09 4.07 24.38
N LYS C 175 -20.74 5.09 23.80
CA LYS C 175 -20.82 6.38 24.48
C LYS C 175 -21.75 6.31 25.69
N LEU C 176 -22.84 5.55 25.60
CA LEU C 176 -23.80 5.46 26.71
C LEU C 176 -23.51 4.29 27.64
N ASN C 177 -22.50 3.47 27.36
CA ASN C 177 -22.13 2.31 28.18
C ASN C 177 -23.33 1.40 28.45
N ASN C 178 -23.80 0.77 27.37
CA ASN C 178 -24.81 -0.30 27.44
C ASN C 178 -26.13 0.19 28.00
N ASP C 179 -26.18 1.46 28.43
CA ASP C 179 -27.39 2.05 29.01
C ASP C 179 -28.00 2.95 27.94
N VAL C 180 -28.87 2.36 27.13
CA VAL C 180 -29.48 3.02 25.98
C VAL C 180 -30.97 3.07 26.24
N PRO C 181 -31.63 4.22 26.07
CA PRO C 181 -33.08 4.28 26.32
C PRO C 181 -33.84 3.44 25.29
N LYS C 182 -35.12 3.21 25.58
CA LYS C 182 -35.89 2.36 24.66
C LYS C 182 -36.16 3.08 23.34
N GLN C 183 -36.43 4.39 23.40
CA GLN C 183 -36.75 5.12 22.18
C GLN C 183 -35.58 5.09 21.20
N LEU C 184 -34.36 5.24 21.72
CA LEU C 184 -33.19 5.23 20.85
C LEU C 184 -32.98 3.87 20.21
N THR C 185 -33.17 2.80 20.98
CA THR C 185 -33.05 1.45 20.43
C THR C 185 -34.15 1.16 19.41
N ASP C 186 -35.35 1.68 19.61
CA ASP C 186 -36.43 1.42 18.67
C ASP C 186 -36.13 2.01 17.29
N GLU C 187 -35.57 3.23 17.24
CA GLU C 187 -35.16 3.80 15.96
C GLU C 187 -34.08 2.96 15.30
N LEU C 188 -33.09 2.50 16.07
CA LEU C 188 -32.06 1.65 15.48
C LEU C 188 -32.66 0.38 14.89
N LYS C 189 -33.65 -0.20 15.56
CA LYS C 189 -34.36 -1.33 14.97
C LYS C 189 -35.14 -0.87 13.74
N GLU C 190 -35.83 0.27 13.84
CA GLU C 190 -36.49 0.84 12.67
C GLU C 190 -35.48 1.13 11.55
N ALA C 191 -34.34 1.70 11.91
CA ALA C 191 -33.32 2.00 10.91
C ALA C 191 -32.79 0.73 10.26
N ALA C 192 -32.78 -0.37 11.00
CA ALA C 192 -32.35 -1.65 10.45
C ALA C 192 -33.45 -2.28 9.60
N GLU C 193 -34.71 -2.17 10.04
CA GLU C 193 -35.82 -2.71 9.25
C GLU C 193 -35.86 -2.09 7.86
N ILE C 194 -35.48 -0.83 7.74
CA ILE C 194 -35.52 -0.12 6.46
C ILE C 194 -34.30 -0.45 5.62
N ALA C 195 -33.12 -0.40 6.25
CA ALA C 195 -31.87 -0.65 5.52
C ALA C 195 -31.88 -1.99 4.82
N HIS C 196 -32.57 -2.99 5.38
CA HIS C 196 -32.69 -4.28 4.68
C HIS C 196 -33.64 -4.18 3.51
N TYR C 197 -34.80 -3.56 3.71
CA TYR C 197 -35.72 -3.29 2.60
C TYR C 197 -35.01 -2.52 1.50
N LEU C 198 -34.03 -1.69 1.86
CA LEU C 198 -33.16 -1.07 0.87
C LEU C 198 -32.30 -2.10 0.18
N ASP C 199 -31.48 -2.85 0.94
CA ASP C 199 -30.63 -3.88 0.37
C ASP C 199 -31.43 -4.93 -0.39
N GLU C 200 -32.69 -5.13 -0.04
CA GLU C 200 -33.55 -6.03 -0.79
C GLU C 200 -33.95 -5.43 -2.14
N LYS C 201 -34.46 -4.20 -2.12
CA LYS C 201 -34.88 -3.53 -3.35
C LYS C 201 -33.71 -3.32 -4.31
N MET C 202 -32.56 -2.90 -3.78
CA MET C 202 -31.39 -2.66 -4.63
C MET C 202 -30.90 -3.95 -5.28
N LEU C 203 -31.18 -5.09 -4.64
CA LEU C 203 -30.80 -6.37 -5.23
C LEU C 203 -31.71 -6.72 -6.40
N GLY C 204 -33.03 -6.53 -6.23
CA GLY C 204 -33.95 -6.85 -7.30
C GLY C 204 -33.78 -5.98 -8.53
N ILE C 205 -33.25 -4.76 -8.34
CA ILE C 205 -32.99 -3.88 -9.48
C ILE C 205 -31.81 -4.41 -10.30
N LYS C 206 -30.80 -4.96 -9.62
CA LYS C 206 -29.68 -5.57 -10.35
C LYS C 206 -30.14 -6.79 -11.14
N LYS C 207 -31.12 -7.52 -10.60
CA LYS C 207 -31.61 -8.73 -11.27
C LYS C 207 -32.16 -8.41 -12.66
N GLU C 208 -32.74 -7.23 -12.83
CA GLU C 208 -33.24 -6.82 -14.14
C GLU C 208 -32.15 -6.63 -15.17
N VAL C 209 -30.87 -6.81 -14.78
CA VAL C 209 -29.73 -6.67 -15.66
C VAL C 209 -28.85 -7.92 -15.54
N MET D 15 -3.00 -17.48 -27.09
CA MET D 15 -4.43 -17.79 -27.02
C MET D 15 -5.03 -17.22 -25.75
N GLU D 16 -6.34 -17.40 -25.56
CA GLU D 16 -6.99 -16.91 -24.35
C GLU D 16 -7.19 -18.00 -23.31
N ASP D 17 -6.70 -19.22 -23.59
CA ASP D 17 -6.38 -20.15 -22.51
C ASP D 17 -5.21 -19.65 -21.67
N TRP D 18 -4.59 -18.53 -22.06
CA TRP D 18 -3.40 -18.03 -21.39
C TRP D 18 -3.73 -17.04 -20.29
N LYS D 19 -4.87 -16.36 -20.37
CA LYS D 19 -5.26 -15.46 -19.30
C LYS D 19 -5.51 -16.24 -18.01
N ASN D 20 -6.14 -17.41 -18.12
CA ASN D 20 -6.49 -18.18 -16.94
C ASN D 20 -5.25 -18.79 -16.28
N GLU D 21 -4.36 -19.41 -17.06
CA GLU D 21 -3.23 -20.10 -16.44
C GLU D 21 -2.20 -19.13 -15.89
N LEU D 22 -1.89 -18.06 -16.63
CA LEU D 22 -0.92 -17.09 -16.13
C LEU D 22 -1.45 -16.36 -14.89
N LEU D 23 -2.79 -16.23 -14.78
CA LEU D 23 -3.35 -15.60 -13.59
C LEU D 23 -3.10 -16.44 -12.35
N VAL D 24 -3.14 -17.77 -12.49
CA VAL D 24 -2.86 -18.66 -11.37
C VAL D 24 -1.46 -18.40 -10.83
N TYR D 25 -0.51 -18.10 -11.73
CA TYR D 25 0.86 -17.82 -11.31
C TYR D 25 0.96 -16.50 -10.55
N LYS D 26 0.12 -15.52 -10.91
CA LYS D 26 0.07 -14.27 -10.15
C LYS D 26 -0.40 -14.51 -8.73
N PHE D 27 -1.37 -15.41 -8.55
CA PHE D 27 -1.89 -15.71 -7.21
C PHE D 27 -0.81 -16.28 -6.32
N ALA D 28 0.05 -17.13 -6.88
CA ALA D 28 1.12 -17.73 -6.10
C ALA D 28 2.06 -16.65 -5.55
N LEU D 29 2.31 -15.60 -6.33
CA LEU D 29 3.19 -14.54 -5.86
C LEU D 29 2.58 -13.74 -4.73
N ASP D 30 1.28 -13.42 -4.84
CA ASP D 30 0.60 -12.74 -3.73
C ASP D 30 0.68 -13.56 -2.45
N ALA D 31 0.63 -14.90 -2.59
CA ALA D 31 0.72 -15.76 -1.42
C ALA D 31 2.14 -15.80 -0.86
N LEU D 32 3.13 -15.78 -1.75
CA LEU D 32 4.52 -15.78 -1.29
C LEU D 32 4.86 -14.49 -0.53
N ASP D 33 4.25 -13.37 -0.91
CA ASP D 33 4.55 -12.10 -0.25
C ASP D 33 4.23 -12.18 1.24
N THR D 34 3.10 -12.78 1.60
CA THR D 34 2.76 -12.91 3.01
C THR D 34 3.64 -13.94 3.71
N LYS D 35 4.06 -14.99 3.01
CA LYS D 35 4.98 -15.95 3.61
C LYS D 35 6.31 -15.30 3.92
N PHE D 36 6.85 -14.50 2.99
CA PHE D 36 8.11 -13.81 3.23
C PHE D 36 7.92 -12.66 4.21
N SER D 37 6.73 -12.05 4.23
CA SER D 37 6.42 -11.07 5.26
C SER D 37 6.36 -11.76 6.63
N ILE D 38 5.85 -12.99 6.67
CA ILE D 38 5.76 -13.74 7.92
C ILE D 38 7.15 -14.24 8.32
N ILE D 39 7.97 -14.63 7.34
CA ILE D 39 9.32 -15.10 7.64
C ILE D 39 10.12 -14.03 8.38
N SER D 40 10.01 -12.78 7.95
CA SER D 40 10.71 -11.71 8.65
C SER D 40 10.02 -11.33 9.95
N GLN D 41 8.70 -11.52 10.03
CA GLN D 41 7.95 -11.22 11.25
C GLN D 41 8.13 -12.25 12.35
N GLU D 42 8.88 -13.32 12.08
CA GLU D 42 9.38 -14.19 13.14
C GLU D 42 10.78 -13.76 13.57
N TYR D 43 11.28 -12.68 12.96
CA TYR D 43 12.52 -12.03 13.34
C TYR D 43 12.30 -10.55 13.59
N ASN D 44 11.08 -10.06 13.35
CA ASN D 44 10.65 -8.64 13.44
C ASN D 44 11.71 -7.63 13.87
N GLY D 48 16.05 -11.74 16.40
CA GLY D 48 15.34 -10.48 16.58
C GLY D 48 15.72 -9.41 15.59
N HIS D 49 16.06 -9.83 14.37
CA HIS D 49 16.34 -8.89 13.29
C HIS D 49 16.01 -9.58 11.97
N ASN D 50 15.42 -8.83 11.05
CA ASN D 50 15.06 -9.52 9.82
C ASN D 50 16.01 -9.14 8.69
N PRO D 51 16.42 -10.12 7.88
CA PRO D 51 17.38 -9.83 6.81
C PRO D 51 16.74 -9.44 5.49
N ILE D 52 15.44 -9.70 5.34
CA ILE D 52 14.74 -9.44 4.08
C ILE D 52 14.34 -7.97 4.09
N GLU D 53 14.96 -7.19 3.20
CA GLU D 53 14.77 -5.75 3.13
C GLU D 53 13.74 -5.34 2.08
N HIS D 54 13.89 -5.80 0.84
CA HIS D 54 12.85 -5.67 -0.17
C HIS D 54 12.71 -7.00 -0.91
N THR D 55 11.56 -7.20 -1.55
CA THR D 55 11.26 -8.41 -2.31
C THR D 55 10.55 -8.03 -3.60
N LYS D 56 11.11 -8.42 -4.75
CA LYS D 56 10.56 -8.07 -6.05
C LYS D 56 10.12 -9.33 -6.79
N SER D 57 8.83 -9.42 -7.08
CA SER D 57 8.22 -10.55 -7.78
C SER D 57 7.87 -10.16 -9.21
N ARG D 58 8.18 -11.05 -10.17
CA ARG D 58 7.98 -10.76 -11.59
C ARG D 58 7.40 -11.97 -12.31
N VAL D 59 6.14 -11.86 -12.75
CA VAL D 59 5.53 -12.86 -13.62
C VAL D 59 5.94 -12.59 -15.07
N LYS D 60 6.41 -13.61 -15.77
CA LYS D 60 6.89 -13.41 -17.14
C LYS D 60 5.77 -12.99 -18.08
N SER D 61 6.13 -12.16 -19.06
CA SER D 61 5.22 -11.48 -19.98
C SER D 61 4.75 -12.32 -21.16
N PHE D 62 4.44 -13.60 -20.99
CA PHE D 62 3.95 -14.45 -22.08
C PHE D 62 4.81 -14.46 -23.33
N GLU D 63 5.21 -13.29 -23.85
CA GLU D 63 6.05 -13.29 -25.04
C GLU D 63 7.46 -13.73 -24.71
N SER D 64 8.00 -13.27 -23.57
CA SER D 64 9.33 -13.70 -23.17
C SER D 64 9.32 -15.20 -22.92
N ILE D 65 8.18 -15.75 -22.49
CA ILE D 65 8.03 -17.19 -22.37
C ILE D 65 8.18 -17.83 -23.74
N VAL D 66 7.50 -17.26 -24.74
CA VAL D 66 7.52 -17.83 -26.10
C VAL D 66 8.90 -17.70 -26.71
N ASN D 67 9.51 -16.51 -26.62
CA ASN D 67 10.85 -16.34 -27.17
C ASN D 67 11.83 -17.32 -26.54
N LYS D 68 11.66 -17.57 -25.23
CA LYS D 68 12.42 -18.62 -24.58
C LYS D 68 11.90 -20.00 -24.98
N LEU D 69 10.58 -20.12 -25.17
CA LEU D 69 10.06 -21.35 -25.75
C LEU D 69 10.36 -21.45 -27.24
N MET D 70 10.81 -20.36 -27.86
CA MET D 70 11.20 -20.44 -29.27
C MET D 70 12.47 -21.27 -29.44
N ARG D 71 13.10 -21.66 -28.33
CA ARG D 71 14.16 -22.64 -28.32
C ARG D 71 13.60 -24.05 -28.23
N LYS D 72 12.35 -24.21 -27.79
CA LYS D 72 11.71 -25.51 -27.78
C LYS D 72 10.41 -25.44 -28.59
N GLY D 73 9.40 -26.20 -28.18
CA GLY D 73 8.11 -26.20 -28.85
C GLY D 73 6.99 -25.76 -27.91
N CYS D 74 6.05 -25.00 -28.45
CA CYS D 74 4.94 -24.48 -27.64
C CYS D 74 4.01 -25.61 -27.22
N LYS D 82 3.38 -26.76 -23.08
CA LYS D 82 4.46 -27.10 -22.17
C LYS D 82 4.44 -26.22 -20.93
N GLU D 83 4.57 -26.85 -19.77
CA GLU D 83 4.58 -26.14 -18.49
C GLU D 83 5.79 -26.55 -17.65
N HIS D 84 6.97 -26.60 -18.28
CA HIS D 84 8.22 -26.95 -17.63
C HIS D 84 9.14 -25.76 -17.41
N ILE D 85 8.68 -24.54 -17.66
CA ILE D 85 9.49 -23.34 -17.42
C ILE D 85 9.31 -22.90 -15.98
N HIS D 86 10.41 -22.76 -15.24
CA HIS D 86 10.33 -22.52 -13.81
C HIS D 86 10.13 -21.05 -13.48
N ASP D 87 10.78 -20.14 -14.21
CA ASP D 87 10.72 -18.73 -13.87
C ASP D 87 9.47 -18.05 -14.39
N ILE D 88 8.35 -18.78 -14.49
CA ILE D 88 7.08 -18.13 -14.82
C ILE D 88 6.73 -17.15 -13.72
N ALA D 89 6.87 -17.59 -12.47
CA ALA D 89 6.75 -16.75 -11.29
C ALA D 89 8.14 -16.64 -10.65
N GLY D 90 8.68 -15.44 -10.59
CA GLY D 90 10.01 -15.21 -10.05
C GLY D 90 9.96 -14.22 -8.90
N VAL D 91 10.70 -14.51 -7.84
CA VAL D 91 10.79 -13.68 -6.65
C VAL D 91 12.26 -13.52 -6.29
N ARG D 92 12.67 -12.29 -5.99
CA ARG D 92 14.05 -12.00 -5.59
C ARG D 92 14.04 -11.56 -4.14
N ILE D 93 14.56 -12.41 -3.27
CA ILE D 93 14.76 -12.08 -1.85
C ILE D 93 16.15 -11.45 -1.72
N ILE D 94 16.19 -10.18 -1.35
CA ILE D 94 17.44 -9.47 -1.17
C ILE D 94 17.71 -9.35 0.32
N CYS D 95 18.72 -10.08 0.79
CA CYS D 95 19.08 -10.13 2.20
C CYS D 95 20.26 -9.20 2.47
N SER D 96 20.49 -8.92 3.76
CA SER D 96 21.54 -7.99 4.14
C SER D 96 22.92 -8.63 4.06
N PHE D 97 23.05 -9.88 4.50
CA PHE D 97 24.35 -10.54 4.58
C PHE D 97 24.28 -11.91 3.92
N ILE D 98 25.47 -12.46 3.61
CA ILE D 98 25.54 -13.79 3.00
C ILE D 98 24.99 -14.84 3.95
N SER D 99 25.34 -14.73 5.23
CA SER D 99 24.85 -15.70 6.22
C SER D 99 23.34 -15.68 6.27
N ASP D 100 22.74 -14.51 6.02
CA ASP D 100 21.29 -14.39 6.04
C ASP D 100 20.64 -15.11 4.86
N ILE D 101 21.37 -15.32 3.76
CA ILE D 101 20.82 -16.04 2.61
C ILE D 101 20.51 -17.49 3.01
N TYR D 102 21.52 -18.20 3.49
CA TYR D 102 21.34 -19.61 3.83
C TYR D 102 20.40 -19.80 5.01
N ASN D 103 20.29 -18.78 5.88
CA ASN D 103 19.32 -18.87 6.97
C ASN D 103 17.90 -18.91 6.45
N VAL D 104 17.60 -18.11 5.40
CA VAL D 104 16.27 -18.16 4.80
C VAL D 104 16.07 -19.46 4.02
N VAL D 105 17.14 -19.95 3.36
CA VAL D 105 17.04 -21.20 2.60
C VAL D 105 16.71 -22.36 3.54
N ASN D 106 17.46 -22.47 4.64
CA ASN D 106 17.23 -23.54 5.60
C ASN D 106 15.87 -23.41 6.28
N VAL D 107 15.38 -22.18 6.46
CA VAL D 107 14.05 -21.97 7.01
C VAL D 107 12.97 -22.44 6.03
N LEU D 108 13.15 -22.15 4.73
CA LEU D 108 12.15 -22.54 3.73
C LEU D 108 11.99 -24.04 3.62
N LYS D 109 12.94 -24.82 4.15
CA LYS D 109 12.82 -26.27 4.12
C LYS D 109 11.84 -26.77 5.16
N GLN D 110 11.71 -26.07 6.29
CA GLN D 110 10.81 -26.45 7.36
C GLN D 110 9.38 -26.01 7.13
N HIS D 111 9.05 -25.59 5.91
CA HIS D 111 7.68 -25.23 5.55
C HIS D 111 7.07 -26.37 4.76
N GLU D 112 5.82 -26.70 5.08
CA GLU D 112 5.16 -27.80 4.38
C GLU D 112 4.51 -27.36 3.08
N ASP D 113 3.89 -26.18 3.05
CA ASP D 113 3.11 -25.78 1.89
C ASP D 113 3.99 -25.37 0.70
N LEU D 114 5.22 -25.88 0.66
CA LEU D 114 6.08 -25.78 -0.51
C LEU D 114 7.27 -26.72 -0.32
N ARG D 115 7.65 -27.40 -1.39
CA ARG D 115 8.75 -28.34 -1.38
C ARG D 115 9.80 -27.90 -2.39
N ILE D 116 11.07 -27.94 -1.99
CA ILE D 116 12.16 -27.50 -2.85
C ILE D 116 12.43 -28.59 -3.89
N VAL D 117 12.23 -28.26 -5.16
CA VAL D 117 12.48 -29.20 -6.25
C VAL D 117 13.95 -29.15 -6.68
N LYS D 118 14.51 -27.95 -6.81
CA LYS D 118 15.89 -27.77 -7.23
C LYS D 118 16.51 -26.64 -6.42
N VAL D 119 17.83 -26.68 -6.28
CA VAL D 119 18.60 -25.61 -5.63
C VAL D 119 19.95 -25.51 -6.33
N LYS D 120 20.34 -24.29 -6.70
CA LYS D 120 21.62 -24.04 -7.37
C LYS D 120 22.32 -22.93 -6.58
N ASP D 121 23.33 -23.31 -5.80
CA ASP D 121 24.08 -22.34 -5.00
C ASP D 121 25.20 -21.81 -5.87
N TYR D 122 24.91 -20.73 -6.60
CA TYR D 122 25.90 -20.07 -7.43
C TYR D 122 26.88 -19.24 -6.61
N ILE D 123 26.73 -19.19 -5.29
CA ILE D 123 27.75 -18.61 -4.42
C ILE D 123 28.79 -19.68 -4.14
N GLN D 124 30.07 -19.30 -4.23
CA GLN D 124 31.25 -20.16 -4.07
C GLN D 124 31.44 -20.99 -5.33
N THR D 125 30.36 -21.15 -6.10
CA THR D 125 30.39 -21.81 -7.41
C THR D 125 29.78 -20.85 -8.43
N PRO D 126 30.40 -19.70 -8.64
CA PRO D 126 29.79 -18.68 -9.49
C PRO D 126 29.97 -18.99 -10.97
N LYS D 127 29.17 -18.30 -11.77
CA LYS D 127 29.30 -18.38 -13.21
C LYS D 127 30.59 -17.67 -13.62
N PRO D 128 31.05 -17.85 -14.85
CA PRO D 128 32.23 -17.09 -15.30
C PRO D 128 31.97 -15.60 -15.38
N ASN D 129 30.69 -15.17 -15.37
CA ASN D 129 30.37 -13.76 -15.33
C ASN D 129 30.72 -13.13 -13.99
N GLY D 130 30.86 -13.94 -12.95
CA GLY D 130 30.93 -13.44 -11.60
C GLY D 130 29.59 -13.47 -10.93
N TYR D 131 28.56 -13.95 -11.62
CA TYR D 131 27.20 -13.92 -11.12
C TYR D 131 27.05 -14.85 -9.91
N ARG D 132 26.48 -14.33 -8.83
CA ARG D 132 26.30 -15.07 -7.60
C ARG D 132 24.89 -14.87 -7.08
N SER D 133 24.23 -15.99 -6.78
CA SER D 133 22.90 -15.99 -6.19
C SER D 133 22.65 -17.38 -5.63
N LEU D 134 21.46 -17.59 -5.09
CA LEU D 134 21.07 -18.91 -4.59
C LEU D 134 19.66 -19.11 -5.12
N HIS D 135 19.55 -19.75 -6.29
CA HIS D 135 18.28 -20.03 -6.89
C HIS D 135 17.73 -21.34 -6.31
N LEU D 136 16.41 -21.42 -6.24
CA LEU D 136 15.76 -22.65 -5.79
C LEU D 136 14.35 -22.71 -6.34
N ILE D 137 14.08 -23.72 -7.15
CA ILE D 137 12.77 -23.94 -7.74
C ILE D 137 11.91 -24.68 -6.73
N ILE D 138 10.64 -24.28 -6.60
CA ILE D 138 9.73 -24.87 -5.64
C ILE D 138 8.49 -25.40 -6.37
N GLU D 139 7.68 -26.15 -5.64
CA GLU D 139 6.37 -26.60 -6.10
C GLU D 139 5.34 -26.05 -5.13
N MET D 140 4.43 -25.23 -5.63
CA MET D 140 3.59 -24.41 -4.78
C MET D 140 2.12 -24.80 -4.92
N PRO D 141 1.43 -25.16 -3.84
CA PRO D 141 -0.02 -25.37 -3.93
C PRO D 141 -0.77 -24.05 -3.83
N VAL D 142 -1.74 -23.86 -4.73
CA VAL D 142 -2.55 -22.64 -4.77
C VAL D 142 -4.01 -23.05 -4.59
N ASN D 143 -4.59 -22.71 -3.44
CA ASN D 143 -5.99 -23.01 -3.15
C ASN D 143 -6.89 -22.03 -3.93
N LEU D 144 -7.63 -22.54 -4.90
CA LEU D 144 -8.57 -21.76 -5.68
C LEU D 144 -10.00 -22.17 -5.33
N THR D 145 -10.98 -21.63 -6.07
CA THR D 145 -12.38 -21.92 -5.78
C THR D 145 -12.75 -23.33 -6.22
N ASN D 146 -12.46 -23.68 -7.48
CA ASN D 146 -12.79 -25.02 -7.98
C ASN D 146 -12.03 -26.07 -7.17
N ARG D 147 -10.71 -26.17 -7.40
CA ARG D 147 -9.85 -27.02 -6.59
C ARG D 147 -8.47 -26.41 -6.46
N VAL D 148 -7.44 -27.23 -6.31
CA VAL D 148 -6.08 -26.74 -6.05
C VAL D 148 -5.19 -26.99 -7.26
N GLU D 149 -4.26 -26.07 -7.49
CA GLU D 149 -3.27 -26.17 -8.56
C GLU D 149 -1.88 -26.12 -7.94
N TYR D 150 -0.97 -26.93 -8.48
CA TYR D 150 0.42 -26.97 -8.03
C TYR D 150 1.28 -26.32 -9.11
N VAL D 151 1.80 -25.13 -8.82
CA VAL D 151 2.59 -24.37 -9.77
C VAL D 151 4.02 -24.29 -9.25
N LYS D 152 4.94 -24.07 -10.17
CA LYS D 152 6.37 -24.00 -9.87
C LYS D 152 6.83 -22.55 -9.85
N ALA D 153 7.76 -22.23 -8.96
CA ALA D 153 8.34 -20.89 -8.88
C ALA D 153 9.82 -20.99 -8.56
N GLU D 154 10.60 -20.07 -9.13
CA GLU D 154 12.05 -20.02 -8.90
C GLU D 154 12.37 -18.78 -8.07
N ILE D 155 12.87 -19.00 -6.86
CA ILE D 155 13.26 -17.94 -5.95
C ILE D 155 14.75 -17.68 -6.09
N GLN D 156 15.13 -16.41 -6.21
CA GLN D 156 16.53 -16.00 -6.31
C GLN D 156 16.86 -15.18 -5.08
N ILE D 157 17.67 -15.75 -4.19
CA ILE D 157 18.06 -15.09 -2.95
C ILE D 157 19.45 -14.50 -3.14
N ARG D 158 19.59 -13.21 -2.83
CA ARG D 158 20.80 -12.46 -3.14
C ARG D 158 21.10 -11.52 -1.98
N THR D 159 22.33 -11.03 -1.93
CA THR D 159 22.66 -9.92 -1.05
C THR D 159 22.32 -8.61 -1.75
N ILE D 160 22.72 -7.48 -1.15
CA ILE D 160 22.44 -6.18 -1.76
C ILE D 160 23.27 -6.00 -3.02
N ALA D 161 24.58 -6.20 -2.92
CA ALA D 161 25.45 -5.98 -4.07
C ALA D 161 25.19 -6.99 -5.19
N MET D 162 24.73 -8.18 -4.83
CA MET D 162 24.44 -9.20 -5.83
C MET D 162 23.25 -8.81 -6.70
N ASP D 163 22.20 -8.26 -6.09
CA ASP D 163 21.04 -7.85 -6.89
C ASP D 163 21.36 -6.64 -7.76
N PHE D 164 22.31 -5.80 -7.33
CA PHE D 164 22.67 -4.62 -8.10
C PHE D 164 23.58 -4.96 -9.27
N TRP D 165 24.51 -5.91 -9.06
CA TRP D 165 25.36 -6.34 -10.17
C TRP D 165 24.56 -7.09 -11.22
N ALA D 166 23.57 -7.88 -10.78
CA ALA D 166 22.72 -8.61 -11.72
C ALA D 166 21.85 -7.68 -12.53
N SER D 167 21.16 -6.75 -11.86
CA SER D 167 20.32 -5.78 -12.56
C SER D 167 21.15 -4.92 -13.52
N LEU D 168 22.40 -4.66 -13.17
CA LEU D 168 23.25 -3.83 -14.05
C LEU D 168 23.67 -4.60 -15.29
N GLU D 169 24.10 -5.85 -15.12
CA GLU D 169 24.54 -6.64 -16.27
C GLU D 169 23.40 -6.83 -17.27
N HIS D 170 22.19 -7.08 -16.76
CA HIS D 170 21.03 -7.25 -17.64
C HIS D 170 20.75 -5.98 -18.45
N LYS D 171 20.80 -4.82 -17.79
CA LYS D 171 20.52 -3.56 -18.48
C LYS D 171 21.58 -3.24 -19.52
N ILE D 172 22.80 -3.76 -19.33
CA ILE D 172 23.86 -3.56 -20.31
C ILE D 172 23.59 -4.42 -21.54
N TYR D 173 23.35 -5.71 -21.32
CA TYR D 173 23.05 -6.64 -22.40
C TYR D 173 21.78 -6.25 -23.15
N TYR D 174 20.84 -5.57 -22.47
CA TYR D 174 19.59 -5.18 -23.12
C TYR D 174 19.84 -4.16 -24.23
N LYS D 175 20.61 -3.11 -23.93
CA LYS D 175 20.83 -2.05 -24.91
C LYS D 175 21.74 -2.52 -26.04
N LEU D 176 22.73 -3.35 -25.73
CA LEU D 176 23.72 -3.77 -26.72
C LEU D 176 23.34 -5.05 -27.44
N ASN D 177 22.24 -5.70 -27.07
CA ASN D 177 21.77 -6.93 -27.71
C ASN D 177 22.88 -7.98 -27.78
N ASN D 178 23.26 -8.45 -26.58
CA ASN D 178 24.15 -9.60 -26.43
C ASN D 178 25.56 -9.42 -27.01
N ASP D 179 25.83 -8.31 -27.68
CA ASP D 179 27.14 -8.10 -28.31
C ASP D 179 27.93 -7.14 -27.42
N VAL D 180 28.65 -7.71 -26.46
CA VAL D 180 29.38 -6.95 -25.46
C VAL D 180 30.88 -7.26 -25.62
N PRO D 181 31.74 -6.25 -25.65
CA PRO D 181 33.19 -6.51 -25.77
C PRO D 181 33.77 -7.19 -24.55
N LYS D 182 35.01 -7.66 -24.68
CA LYS D 182 35.65 -8.38 -23.59
C LYS D 182 35.97 -7.48 -22.41
N GLN D 183 36.48 -6.27 -22.66
CA GLN D 183 36.87 -5.40 -21.55
C GLN D 183 35.65 -5.03 -20.71
N LEU D 184 34.52 -4.77 -21.35
CA LEU D 184 33.31 -4.44 -20.60
C LEU D 184 32.86 -5.62 -19.74
N THR D 185 32.92 -6.83 -20.30
CA THR D 185 32.61 -8.02 -19.51
C THR D 185 33.66 -8.26 -18.44
N ASP D 186 34.93 -7.98 -18.77
CA ASP D 186 36.00 -8.11 -17.78
C ASP D 186 35.83 -7.09 -16.66
N GLU D 187 35.37 -5.88 -16.98
CA GLU D 187 35.07 -4.90 -15.93
C GLU D 187 33.98 -5.43 -15.00
N LEU D 188 32.93 -6.03 -15.57
CA LEU D 188 31.87 -6.62 -14.76
C LEU D 188 32.42 -7.73 -13.87
N LYS D 189 33.39 -8.50 -14.37
CA LYS D 189 34.03 -9.51 -13.55
C LYS D 189 34.72 -8.91 -12.32
N GLU D 190 35.46 -7.80 -12.52
CA GLU D 190 36.10 -7.12 -11.40
C GLU D 190 35.08 -6.69 -10.35
N ALA D 191 33.93 -6.17 -10.80
CA ALA D 191 32.91 -5.74 -9.86
C ALA D 191 32.38 -6.90 -9.03
N ALA D 192 32.39 -8.11 -9.60
CA ALA D 192 31.93 -9.28 -8.86
C ALA D 192 32.96 -9.73 -7.83
N GLU D 193 34.24 -9.70 -8.19
CA GLU D 193 35.28 -10.01 -7.21
C GLU D 193 35.20 -9.08 -6.00
N ILE D 194 34.80 -7.83 -6.22
CA ILE D 194 34.75 -6.85 -5.14
C ILE D 194 33.45 -6.99 -4.36
N ALA D 195 32.31 -7.04 -5.07
CA ALA D 195 31.02 -7.07 -4.39
C ALA D 195 30.90 -8.27 -3.46
N HIS D 196 31.53 -9.41 -3.81
CA HIS D 196 31.57 -10.54 -2.91
C HIS D 196 32.60 -10.31 -1.81
N TYR D 197 33.81 -9.87 -2.19
CA TYR D 197 34.79 -9.44 -1.20
C TYR D 197 34.23 -8.35 -0.31
N LEU D 198 33.38 -7.49 -0.84
CA LEU D 198 32.68 -6.50 -0.02
C LEU D 198 31.72 -7.21 0.94
N ASP D 199 30.79 -8.00 0.40
CA ASP D 199 29.86 -8.75 1.23
C ASP D 199 30.58 -9.69 2.19
N GLU D 200 31.80 -10.13 1.85
CA GLU D 200 32.59 -10.92 2.79
C GLU D 200 33.11 -10.05 3.92
N LYS D 201 33.77 -8.94 3.57
CA LYS D 201 34.32 -8.04 4.59
C LYS D 201 33.21 -7.48 5.47
N MET D 202 32.08 -7.09 4.85
CA MET D 202 30.96 -6.59 5.64
C MET D 202 30.37 -7.68 6.54
N LEU D 203 30.54 -8.95 6.16
CA LEU D 203 30.03 -10.04 7.00
C LEU D 203 30.88 -10.21 8.25
N GLY D 204 32.21 -10.19 8.11
CA GLY D 204 33.07 -10.36 9.25
C GLY D 204 32.92 -9.27 10.29
N ILE D 205 32.47 -8.08 9.86
CA ILE D 205 32.24 -6.99 10.81
C ILE D 205 31.02 -7.28 11.68
N LYS D 206 29.98 -7.89 11.11
CA LYS D 206 28.83 -8.30 11.93
C LYS D 206 29.22 -9.42 12.88
N LYS D 207 30.12 -10.31 12.43
CA LYS D 207 30.54 -11.43 13.28
C LYS D 207 31.15 -10.94 14.57
N GLU D 208 31.81 -9.78 14.55
CA GLU D 208 32.40 -9.22 15.75
C GLU D 208 31.35 -8.77 16.76
N VAL D 209 30.06 -8.88 16.43
CA VAL D 209 28.98 -8.50 17.33
C VAL D 209 27.97 -9.64 17.40
#